data_4XP9
#
_entry.id   4XP9
#
_cell.length_a   97.348
_cell.length_b   140.748
_cell.length_c   166.760
_cell.angle_alpha   90.00
_cell.angle_beta   90.00
_cell.angle_gamma   90.00
#
_symmetry.space_group_name_H-M   'P 21 21 21'
#
loop_
_entity.id
_entity.type
_entity.pdbx_description
1 polymer Transporter
2 polymer 'ANTIBODY FRAGMENT HEAVY CHAIN-PROTEIN, 9D5-HEAVY CHAIN'
3 polymer 'ANTIBODY FRAGMENT LIGHT CHAIN-PROTEIN, 9D5-LIGHT CHAIN'
4 branched alpha-D-glucopyranose-(1-4)-alpha-D-glucopyranose
5 non-polymer 'CHOLESTEROL HEMISUCCINATE'
6 non-polymer 2-acetamido-2-deoxy-beta-D-glucopyranose
7 non-polymer '3[N-MORPHOLINO]PROPANE SULFONIC ACID'
8 non-polymer CHOLESTEROL
9 non-polymer (2S)-1-phenylpropan-2-amine
10 non-polymer 1-ETHOXY-2-(2-ETHOXYETHOXY)ETHANE
11 non-polymer 'SODIUM ION'
12 non-polymer 'CHLORIDE ION'
13 water water
#
loop_
_entity_poly.entity_id
_entity_poly.type
_entity_poly.pdbx_seq_one_letter_code
_entity_poly.pdbx_strand_id
1 'polypeptide(L)'
;DERETWSGKVDFLLSVIGFAVDLANVWRFPYLCYKNGGGAFLVPYGIMLAVGGIPLFYMELALGQHNRKGAITCWGRLVP
LFKGIGYAVVLIAFYVDFYYNVIIAWSLRFFFASFTNSLPWTSCNNIWNTPNCRPFEGHVEGFQSAASEYFNRYILELNR
SEGIHDLGAIKWDMALCLLIVYLICYFSLWKGISTSGKVVWFTALFPYAVLLILLIRGLTLPGSFLGIQYYLTPNFSAIY
KAEVWVDAATQVFFSLGPGFGVLLAYASYNKYHNNVYKDALLTSFINSATSFIAGFVIFSVLGYMAHTLGVRIEDVATEG
PGLVFVVYPAAIATMPASTFWALIFFMMLATLGLDSSFGGSEAIITALSDEFPKIKRNRELFVAGLFSLYFVVGLASCTQ
GGFYFFHLLDRYAAGYSILVAVFFEAIAVSWIYGTNRFSEDIRDMIGFPPGRYWQVCWRFVAPIFLLFITVYGLIGYEPL
TYADYVYPSWANALGWCIAGSSVVMIPAVAIFKLLSTPGSLRQRFTILTTPWRDQQLLVPR
;
C
2 'polypeptide(L)'
;ENVLTQSPAIMSTSPGEKVTMTCRASSSVGSSYLHWYQQKSGASPKLWIYSTSNLASGVPARFSGSGSGTSYSLTISSVE
AEDAATYYCQQFSGYPLTFGSGTKLEMKRADAAPTVSIFPPSSEQLTSGGASVVCFLNNFYPKDINVKWKIEGSERQNGV
LNSWTDQDSKDSTYSMSSTLTLTKDEYERHNSYTCEATHKTSTSPIVKSFNRN
;
L
3 'polypeptide(L)'
;EVQLVESGGGLVKPGGSLKLSCAASGFTFSSYAMSWVRQSPEKRLEWVAEISSGGRYIYYSDTVTGRFTISRDNARNILH
LEMSSLRSEDTAMYYCARGEVRQRGFDYWGQGTTLTVSSAKTTAPSVYPLAPVCGDTTGSSVTLGCLVKGYFPEPVTLTW
NSGSLSSGVHTFPAVLQSDLYTLSSSVTVTSSTWPSQSITCNVAHPASSTKVDKKIEPR
;
H
#
loop_
_chem_comp.id
_chem_comp.type
_chem_comp.name
_chem_comp.formula
1WE non-polymer (2S)-1-phenylpropan-2-amine 'C9 H13 N'
CL non-polymer 'CHLORIDE ION' 'Cl -1'
CLR non-polymer CHOLESTEROL 'C27 H46 O'
GLC D-saccharide, alpha linking alpha-D-glucopyranose 'C6 H12 O6'
MPO non-polymer '3[N-MORPHOLINO]PROPANE SULFONIC ACID' 'C7 H15 N O4 S'
NA non-polymer 'SODIUM ION' 'Na 1'
NAG D-saccharide, beta linking 2-acetamido-2-deoxy-beta-D-glucopyranose 'C8 H15 N O6'
P4G non-polymer 1-ETHOXY-2-(2-ETHOXYETHOXY)ETHANE 'C8 H18 O3'
Y01 non-polymer 'CHOLESTEROL HEMISUCCINATE' 'C31 H50 O4'
#
# COMPACT_ATOMS: atom_id res chain seq x y z
N ASP A 1 -17.52 -0.64 -12.11
CA ASP A 1 -17.06 0.61 -12.68
C ASP A 1 -17.83 0.94 -13.96
N GLU A 2 -18.45 2.12 -14.01
CA GLU A 2 -18.42 3.09 -12.91
C GLU A 2 -19.20 2.65 -11.67
N ARG A 3 -18.61 2.90 -10.51
CA ARG A 3 -19.28 2.66 -9.24
C ARG A 3 -19.19 3.91 -8.40
N GLU A 4 -20.29 4.19 -7.71
CA GLU A 4 -20.43 5.40 -6.89
C GLU A 4 -19.36 5.42 -5.79
N THR A 5 -18.89 6.61 -5.39
CA THR A 5 -17.81 6.69 -4.42
C THR A 5 -18.15 7.66 -3.28
N TRP A 6 -17.46 7.53 -2.16
CA TRP A 6 -17.76 8.38 -1.00
C TRP A 6 -17.58 9.84 -1.41
N SER A 7 -18.52 10.67 -0.99
CA SER A 7 -18.50 12.08 -1.31
C SER A 7 -17.27 12.74 -0.69
N GLY A 8 -16.67 12.06 0.29
CA GLY A 8 -15.42 12.49 0.89
C GLY A 8 -14.96 11.43 1.88
N LYS A 9 -13.65 11.37 2.14
CA LYS A 9 -13.13 10.27 2.96
C LYS A 9 -13.66 10.31 4.41
N VAL A 10 -13.92 11.49 4.94
CA VAL A 10 -14.46 11.56 6.29
C VAL A 10 -15.81 10.85 6.40
N ASP A 11 -16.60 10.89 5.32
CA ASP A 11 -17.87 10.18 5.32
C ASP A 11 -17.65 8.68 5.56
N PHE A 12 -16.64 8.12 4.90
CA PHE A 12 -16.38 6.69 5.03
C PHE A 12 -15.98 6.39 6.46
N LEU A 13 -15.08 7.18 6.99
CA LEU A 13 -14.55 6.90 8.30
C LEU A 13 -15.63 7.01 9.36
N LEU A 14 -16.55 7.93 9.18
CA LEU A 14 -17.61 8.09 10.15
C LEU A 14 -18.66 6.99 10.01
N SER A 15 -18.89 6.55 8.78
CA SER A 15 -19.78 5.40 8.58
C SER A 15 -19.23 4.18 9.26
N VAL A 16 -17.92 4.03 9.23
CA VAL A 16 -17.32 2.87 9.83
C VAL A 16 -17.27 2.99 11.33
N ILE A 17 -16.88 4.17 11.82
CA ILE A 17 -16.82 4.40 13.25
C ILE A 17 -18.23 4.33 13.82
N GLY A 18 -19.20 4.79 13.04
CA GLY A 18 -20.57 4.78 13.51
C GLY A 18 -21.11 3.37 13.59
N PHE A 19 -20.71 2.53 12.64
CA PHE A 19 -21.16 1.16 12.65
C PHE A 19 -20.57 0.46 13.88
N ALA A 20 -19.27 0.62 14.08
CA ALA A 20 -18.57 -0.13 15.09
C ALA A 20 -18.90 0.35 16.50
N VAL A 21 -19.03 1.66 16.70
CA VAL A 21 -19.37 2.15 18.02
C VAL A 21 -20.89 2.13 18.20
N ASP A 22 -21.35 1.27 19.10
CA ASP A 22 -22.76 1.25 19.45
C ASP A 22 -22.95 1.06 20.95
N LEU A 23 -24.11 0.55 21.34
CA LEU A 23 -24.49 0.47 22.73
C LEU A 23 -23.60 -0.45 23.57
N ALA A 24 -23.05 -1.49 22.95
CA ALA A 24 -22.17 -2.42 23.69
C ALA A 24 -20.84 -1.78 24.08
N ASN A 25 -20.46 -0.69 23.41
CA ASN A 25 -19.28 0.08 23.83
C ASN A 25 -19.56 0.63 25.20
N VAL A 26 -20.84 0.92 25.47
CA VAL A 26 -21.23 1.50 26.75
C VAL A 26 -21.66 0.45 27.75
N TRP A 27 -22.51 -0.48 27.33
CA TRP A 27 -23.13 -1.32 28.32
C TRP A 27 -22.51 -2.72 28.46
N ARG A 28 -21.36 -2.97 27.82
CA ARG A 28 -20.65 -4.23 28.05
C ARG A 28 -19.15 -4.06 28.36
N PHE A 29 -18.44 -3.24 27.59
CA PHE A 29 -17.01 -3.16 27.85
C PHE A 29 -16.66 -2.74 29.30
N PRO A 30 -17.26 -1.62 29.81
CA PRO A 30 -16.97 -1.23 31.20
C PRO A 30 -17.37 -2.30 32.20
N TYR A 31 -18.46 -3.02 31.91
CA TYR A 31 -18.87 -4.08 32.80
C TYR A 31 -17.84 -5.18 32.83
N LEU A 32 -17.29 -5.52 31.66
CA LEU A 32 -16.28 -6.57 31.59
C LEU A 32 -15.01 -6.16 32.33
N CYS A 33 -14.67 -4.88 32.32
CA CYS A 33 -13.48 -4.41 33.02
C CYS A 33 -13.69 -4.57 34.52
N TYR A 34 -14.88 -4.20 34.97
CA TYR A 34 -15.21 -4.29 36.37
C TYR A 34 -15.22 -5.74 36.84
N LYS A 35 -15.66 -6.64 35.98
CA LYS A 35 -15.82 -8.05 36.34
C LYS A 35 -14.52 -8.85 36.26
N ASN A 36 -13.55 -8.35 35.52
CA ASN A 36 -12.38 -9.14 35.16
C ASN A 36 -11.03 -8.54 35.51
N GLY A 37 -10.88 -8.05 36.72
CA GLY A 37 -9.58 -7.57 37.14
C GLY A 37 -9.24 -6.16 36.73
N GLY A 38 -10.25 -5.36 36.41
CA GLY A 38 -10.04 -3.94 36.15
C GLY A 38 -9.11 -3.73 34.97
N GLY A 39 -8.13 -2.85 35.14
CA GLY A 39 -7.25 -2.52 34.04
C GLY A 39 -6.46 -3.74 33.60
N ALA A 40 -6.40 -4.77 34.44
CA ALA A 40 -5.77 -6.04 34.05
C ALA A 40 -6.49 -6.66 32.86
N PHE A 41 -7.79 -6.40 32.76
CA PHE A 41 -8.58 -6.95 31.66
C PHE A 41 -8.07 -6.43 30.32
N LEU A 42 -7.48 -5.24 30.36
CA LEU A 42 -6.95 -4.61 29.16
C LEU A 42 -5.88 -5.49 28.49
N VAL A 43 -5.16 -6.28 29.28
CA VAL A 43 -4.14 -7.12 28.69
C VAL A 43 -4.74 -8.18 27.75
N PRO A 44 -5.59 -9.08 28.26
CA PRO A 44 -6.25 -10.05 27.38
C PRO A 44 -7.04 -9.37 26.28
N TYR A 45 -7.65 -8.24 26.60
CA TYR A 45 -8.43 -7.47 25.64
C TYR A 45 -7.55 -6.95 24.51
N GLY A 46 -6.40 -6.39 24.87
CA GLY A 46 -5.51 -5.83 23.87
C GLY A 46 -4.87 -6.88 22.99
N ILE A 47 -4.52 -8.02 23.58
CA ILE A 47 -3.94 -9.09 22.80
C ILE A 47 -4.98 -9.67 21.83
N MET A 48 -6.22 -9.87 22.29
CA MET A 48 -7.29 -10.34 21.40
C MET A 48 -7.58 -9.32 20.29
N LEU A 49 -7.46 -8.06 20.65
CA LEU A 49 -7.70 -7.00 19.69
C LEU A 49 -6.65 -7.05 18.59
N ALA A 50 -5.43 -7.41 18.99
CA ALA A 50 -4.28 -7.32 18.11
C ALA A 50 -4.14 -8.50 17.17
N VAL A 51 -4.43 -9.70 17.68
CA VAL A 51 -4.22 -10.93 16.92
C VAL A 51 -5.53 -11.48 16.31
N GLY A 52 -6.66 -11.04 16.83
CA GLY A 52 -7.93 -11.54 16.36
C GLY A 52 -8.75 -10.46 15.70
N GLY A 53 -9.19 -9.48 16.49
CA GLY A 53 -10.13 -8.49 16.03
C GLY A 53 -9.60 -7.67 14.89
N ILE A 54 -8.56 -6.89 15.16
CA ILE A 54 -8.09 -5.95 14.14
C ILE A 54 -7.69 -6.64 12.83
N PRO A 55 -6.93 -7.75 12.91
CA PRO A 55 -6.64 -8.42 11.64
C PRO A 55 -7.89 -8.81 10.85
N LEU A 56 -8.93 -9.30 11.51
CA LEU A 56 -10.16 -9.66 10.78
C LEU A 56 -10.81 -8.41 10.26
N PHE A 57 -10.64 -7.34 11.02
CA PHE A 57 -11.28 -6.05 10.74
C PHE A 57 -10.64 -5.43 9.52
N TYR A 58 -9.30 -5.47 9.51
CA TYR A 58 -8.48 -5.04 8.39
C TYR A 58 -8.85 -5.81 7.12
N MET A 59 -8.95 -7.13 7.27
CA MET A 59 -9.14 -8.01 6.14
C MET A 59 -10.42 -7.67 5.38
N GLU A 60 -11.53 -7.60 6.10
CA GLU A 60 -12.79 -7.40 5.40
C GLU A 60 -12.80 -6.03 4.74
N LEU A 61 -12.19 -5.05 5.39
CA LEU A 61 -12.13 -3.70 4.81
C LEU A 61 -11.31 -3.69 3.52
N ALA A 62 -10.15 -4.35 3.53
CA ALA A 62 -9.33 -4.39 2.33
C ALA A 62 -10.06 -5.11 1.24
N LEU A 63 -10.69 -6.22 1.63
CA LEU A 63 -11.34 -7.08 0.68
C LEU A 63 -12.51 -6.37 0.01
N GLY A 64 -13.22 -5.53 0.76
CA GLY A 64 -14.33 -4.81 0.18
C GLY A 64 -13.86 -3.72 -0.77
N GLN A 65 -12.76 -3.06 -0.42
CA GLN A 65 -12.22 -2.02 -1.28
C GLN A 65 -11.64 -2.60 -2.58
N HIS A 66 -11.04 -3.78 -2.50
CA HIS A 66 -10.43 -4.37 -3.68
C HIS A 66 -11.46 -4.93 -4.67
N ASN A 67 -12.41 -5.71 -4.16
CA ASN A 67 -13.36 -6.40 -5.04
C ASN A 67 -14.54 -5.52 -5.42
N ARG A 68 -14.67 -4.38 -4.74
CA ARG A 68 -15.61 -3.33 -5.15
C ARG A 68 -17.05 -3.79 -5.34
N LYS A 69 -17.45 -4.84 -4.63
CA LYS A 69 -18.83 -5.34 -4.67
C LYS A 69 -19.30 -5.66 -3.26
N GLY A 70 -20.61 -5.83 -3.12
CA GLY A 70 -21.20 -6.16 -1.83
C GLY A 70 -21.00 -7.62 -1.52
N ALA A 71 -21.53 -8.06 -0.38
CA ALA A 71 -21.10 -9.34 0.18
C ALA A 71 -21.37 -10.56 -0.69
N ILE A 72 -22.50 -10.58 -1.39
CA ILE A 72 -22.85 -11.78 -2.16
C ILE A 72 -21.93 -11.93 -3.37
N THR A 73 -21.87 -10.87 -4.17
CA THR A 73 -21.06 -10.87 -5.36
C THR A 73 -19.59 -11.06 -5.02
N CYS A 74 -19.17 -10.45 -3.93
CA CYS A 74 -17.76 -10.42 -3.58
C CYS A 74 -17.23 -11.80 -3.25
N TRP A 75 -17.93 -12.52 -2.40
CA TRP A 75 -17.47 -13.84 -2.01
C TRP A 75 -17.62 -14.79 -3.18
N GLY A 76 -18.58 -14.52 -4.06
CA GLY A 76 -18.76 -15.33 -5.24
C GLY A 76 -17.62 -15.15 -6.23
N ARG A 77 -17.18 -13.91 -6.40
CA ARG A 77 -16.05 -13.59 -7.28
C ARG A 77 -14.71 -14.05 -6.70
N LEU A 78 -14.62 -14.17 -5.39
CA LEU A 78 -13.36 -14.51 -4.76
C LEU A 78 -13.13 -16.03 -4.68
N VAL A 79 -14.17 -16.76 -4.28
CA VAL A 79 -14.14 -18.21 -4.23
C VAL A 79 -15.56 -18.71 -4.45
N PRO A 80 -15.93 -19.02 -5.72
CA PRO A 80 -17.32 -19.27 -6.10
C PRO A 80 -17.92 -20.42 -5.32
N LEU A 81 -17.09 -21.38 -4.94
CA LEU A 81 -17.51 -22.53 -4.15
C LEU A 81 -18.12 -22.04 -2.84
N PHE A 82 -17.71 -20.86 -2.40
CA PHE A 82 -18.21 -20.31 -1.16
C PHE A 82 -19.05 -19.05 -1.37
N LYS A 83 -19.77 -18.96 -2.48
CA LYS A 83 -20.62 -17.80 -2.71
C LYS A 83 -21.67 -17.72 -1.60
N GLY A 84 -21.92 -18.86 -0.96
CA GLY A 84 -22.95 -18.95 0.05
C GLY A 84 -22.65 -18.07 1.24
N ILE A 85 -21.36 -17.84 1.50
CA ILE A 85 -20.97 -17.04 2.64
C ILE A 85 -21.61 -15.67 2.53
N GLY A 86 -21.75 -15.19 1.31
CA GLY A 86 -22.34 -13.90 1.08
C GLY A 86 -23.81 -13.93 1.38
N TYR A 87 -24.46 -15.03 1.05
CA TYR A 87 -25.88 -15.16 1.37
C TYR A 87 -26.08 -15.25 2.88
N ALA A 88 -25.20 -16.00 3.54
CA ALA A 88 -25.33 -16.22 4.97
C ALA A 88 -25.22 -14.89 5.70
N VAL A 89 -24.17 -14.16 5.36
CA VAL A 89 -23.89 -12.89 5.97
C VAL A 89 -25.02 -11.91 5.71
N VAL A 90 -25.67 -12.05 4.57
CA VAL A 90 -26.69 -11.08 4.20
C VAL A 90 -27.93 -11.21 5.07
N LEU A 91 -28.40 -12.42 5.31
CA LEU A 91 -29.63 -12.57 6.08
C LEU A 91 -29.37 -12.70 7.58
N ILE A 92 -28.12 -12.89 7.98
CA ILE A 92 -27.79 -12.62 9.37
C ILE A 92 -28.01 -11.13 9.66
N ALA A 93 -27.52 -10.28 8.76
CA ALA A 93 -27.72 -8.83 8.87
C ALA A 93 -29.19 -8.50 8.78
N PHE A 94 -29.92 -9.35 8.05
CA PHE A 94 -31.36 -9.23 7.83
C PHE A 94 -32.16 -9.51 9.13
N TYR A 95 -31.81 -10.60 9.81
CA TYR A 95 -32.42 -10.94 11.11
C TYR A 95 -32.13 -9.88 12.16
N VAL A 96 -30.88 -9.42 12.20
CA VAL A 96 -30.44 -8.51 13.24
C VAL A 96 -31.26 -7.22 13.19
N ASP A 97 -31.71 -6.85 12.00
CA ASP A 97 -32.56 -5.65 11.89
C ASP A 97 -33.94 -5.87 12.54
N PHE A 98 -34.36 -7.12 12.65
CA PHE A 98 -35.67 -7.42 13.23
C PHE A 98 -35.77 -7.09 14.71
N TYR A 99 -34.64 -7.06 15.42
CA TYR A 99 -34.70 -6.73 16.85
C TYR A 99 -33.87 -5.52 17.25
N TYR A 100 -32.69 -5.35 16.66
CA TYR A 100 -31.74 -4.34 17.12
C TYR A 100 -32.34 -2.92 17.10
N ASN A 101 -33.24 -2.66 16.16
CA ASN A 101 -33.90 -1.36 16.07
C ASN A 101 -34.77 -1.09 17.29
N VAL A 102 -35.25 -2.16 17.93
CA VAL A 102 -36.09 -2.01 19.10
C VAL A 102 -35.38 -1.29 20.24
N ILE A 103 -34.06 -1.48 20.36
CA ILE A 103 -33.29 -0.77 21.37
C ILE A 103 -33.29 0.73 21.10
N ILE A 104 -33.25 1.09 19.82
CA ILE A 104 -33.25 2.50 19.46
C ILE A 104 -34.60 3.10 19.84
N ALA A 105 -35.65 2.34 19.54
CA ALA A 105 -37.02 2.75 19.84
C ALA A 105 -37.24 2.93 21.33
N TRP A 106 -36.66 2.04 22.14
CA TRP A 106 -36.70 2.20 23.60
C TRP A 106 -35.99 3.50 23.98
N SER A 107 -34.93 3.81 23.26
CA SER A 107 -34.18 5.04 23.52
C SER A 107 -35.03 6.25 23.19
N LEU A 108 -35.70 6.21 22.05
CA LEU A 108 -36.60 7.30 21.70
C LEU A 108 -37.75 7.37 22.67
N ARG A 109 -38.20 6.20 23.12
CA ARG A 109 -39.36 6.14 24.01
C ARG A 109 -39.06 6.78 25.36
N PHE A 110 -37.84 6.57 25.85
CA PHE A 110 -37.39 7.21 27.07
C PHE A 110 -37.12 8.69 26.84
N PHE A 111 -36.70 9.03 25.62
CA PHE A 111 -36.42 10.43 25.29
C PHE A 111 -37.73 11.24 25.33
N PHE A 112 -38.75 10.73 24.63
CA PHE A 112 -40.04 11.39 24.61
C PHE A 112 -40.60 11.41 26.02
N ALA A 113 -40.12 10.47 26.83
CA ALA A 113 -40.59 10.34 28.20
C ALA A 113 -39.97 11.35 29.16
N SER A 114 -38.90 12.03 28.73
CA SER A 114 -38.16 12.89 29.65
C SER A 114 -38.47 14.36 29.43
N PHE A 115 -39.46 14.64 28.59
CA PHE A 115 -39.89 16.01 28.43
C PHE A 115 -40.77 16.37 29.62
N THR A 116 -40.12 16.51 30.76
CA THR A 116 -40.82 16.84 31.97
C THR A 116 -39.90 17.31 33.05
N ASN A 117 -40.52 18.00 33.98
CA ASN A 117 -39.83 18.67 35.06
C ASN A 117 -39.59 17.74 36.25
N SER A 118 -40.24 16.57 36.22
CA SER A 118 -40.06 15.52 37.21
C SER A 118 -40.13 14.13 36.56
N LEU A 119 -38.97 13.47 36.46
CA LEU A 119 -38.84 12.22 35.72
C LEU A 119 -39.63 11.09 36.36
N PRO A 120 -40.42 10.37 35.53
CA PRO A 120 -41.38 9.34 35.97
C PRO A 120 -40.77 8.18 36.77
N TRP A 121 -39.54 7.80 36.46
CA TRP A 121 -39.00 6.54 36.98
C TRP A 121 -38.40 6.71 38.36
N THR A 122 -38.54 7.91 38.91
CA THR A 122 -37.95 8.24 40.20
C THR A 122 -38.54 7.53 41.42
N SER A 123 -39.85 7.38 41.45
CA SER A 123 -40.54 7.07 42.70
C SER A 123 -41.40 5.82 42.63
N CYS A 124 -41.74 5.28 43.79
CA CYS A 124 -42.47 4.02 43.89
C CYS A 124 -43.95 4.14 44.18
N ASN A 125 -44.52 5.33 44.01
CA ASN A 125 -45.92 5.54 44.33
C ASN A 125 -46.77 5.88 43.10
N ASN A 126 -46.47 5.22 41.97
CA ASN A 126 -47.21 5.41 40.73
C ASN A 126 -48.16 4.26 40.43
N ILE A 127 -49.07 4.46 39.47
CA ILE A 127 -50.12 3.50 39.20
C ILE A 127 -49.55 2.15 38.76
N TRP A 128 -48.39 2.18 38.10
CA TRP A 128 -47.74 0.95 37.64
C TRP A 128 -46.87 0.25 38.68
N ASN A 129 -46.74 0.82 39.87
CA ASN A 129 -45.81 0.29 40.85
C ASN A 129 -46.37 -0.88 41.63
N THR A 130 -45.48 -1.44 42.43
CA THR A 130 -45.71 -2.67 43.14
C THR A 130 -45.47 -2.38 44.60
N PRO A 131 -46.09 -3.14 45.50
CA PRO A 131 -45.86 -2.97 46.93
C PRO A 131 -44.38 -3.18 47.27
N ASN A 132 -43.72 -4.01 46.48
CA ASN A 132 -42.33 -4.37 46.71
C ASN A 132 -41.27 -3.39 46.15
N CYS A 133 -41.69 -2.30 45.51
CA CYS A 133 -40.74 -1.37 44.90
C CYS A 133 -39.82 -0.62 45.90
N ARG A 134 -38.54 -0.52 45.55
CA ARG A 134 -37.53 0.23 46.32
C ARG A 134 -37.10 1.43 45.52
N PRO A 135 -36.60 2.48 46.21
CA PRO A 135 -36.03 3.59 45.46
C PRO A 135 -34.83 3.20 44.56
N PHE A 136 -33.99 2.24 44.94
CA PHE A 136 -32.84 1.90 44.07
C PHE A 136 -32.49 0.41 44.05
N GLU A 137 -31.59 0.02 43.16
CA GLU A 137 -31.22 -1.39 42.96
C GLU A 137 -30.93 -2.11 44.26
N GLY A 138 -31.49 -3.31 44.41
CA GLY A 138 -31.16 -4.15 45.55
C GLY A 138 -30.53 -5.46 45.10
N HIS A 139 -30.52 -6.47 45.95
CA HIS A 139 -30.00 -7.78 45.53
C HIS A 139 -30.98 -8.92 45.76
N VAL A 140 -32.26 -8.59 45.92
CA VAL A 140 -33.31 -9.59 46.07
C VAL A 140 -34.31 -9.50 44.91
N GLU A 141 -34.52 -10.60 44.20
CA GLU A 141 -35.17 -10.53 42.88
C GLU A 141 -36.60 -10.03 42.94
N GLY A 142 -37.28 -10.26 44.05
CA GLY A 142 -38.68 -9.92 44.11
C GLY A 142 -38.90 -8.47 44.46
N PHE A 143 -37.82 -7.73 44.64
CA PHE A 143 -37.94 -6.31 45.02
C PHE A 143 -37.17 -5.38 44.08
N GLN A 144 -37.82 -5.03 42.98
CA GLN A 144 -37.25 -4.12 42.01
C GLN A 144 -37.18 -2.65 42.46
N SER A 145 -36.25 -1.95 41.85
CA SER A 145 -36.07 -0.51 41.98
C SER A 145 -37.16 0.26 41.26
N ALA A 146 -37.35 1.51 41.64
CA ALA A 146 -38.34 2.34 41.01
C ALA A 146 -38.10 2.45 39.51
N ALA A 147 -36.83 2.53 39.09
CA ALA A 147 -36.51 2.59 37.67
C ALA A 147 -36.74 1.27 36.96
N SER A 148 -36.56 0.17 37.68
CA SER A 148 -36.77 -1.14 37.07
C SER A 148 -38.26 -1.39 36.80
N GLU A 149 -39.12 -1.01 37.75
CA GLU A 149 -40.56 -1.16 37.57
C GLU A 149 -41.10 -0.22 36.50
N TYR A 150 -40.50 0.96 36.36
CA TYR A 150 -40.93 1.85 35.28
C TYR A 150 -40.65 1.21 33.95
N PHE A 151 -39.43 0.69 33.78
CA PHE A 151 -39.06 0.14 32.50
C PHE A 151 -39.93 -1.06 32.24
N ASN A 152 -40.01 -1.91 33.23
CA ASN A 152 -40.63 -3.19 33.08
C ASN A 152 -42.14 -3.15 33.06
N ARG A 153 -42.72 -2.37 33.97
CA ARG A 153 -44.17 -2.36 34.14
C ARG A 153 -44.88 -1.23 33.40
N TYR A 154 -44.15 -0.18 33.06
CA TYR A 154 -44.75 0.93 32.30
C TYR A 154 -44.33 0.99 30.83
N ILE A 155 -43.02 1.02 30.56
CA ILE A 155 -42.53 1.08 29.19
C ILE A 155 -42.80 -0.21 28.45
N LEU A 156 -42.40 -1.33 29.05
CA LEU A 156 -42.50 -2.63 28.41
C LEU A 156 -43.86 -3.33 28.62
N GLU A 157 -44.48 -3.11 29.78
CA GLU A 157 -45.62 -3.92 30.26
C GLU A 157 -45.31 -5.42 30.20
N LEU A 158 -44.06 -5.77 30.42
CA LEU A 158 -43.63 -7.16 30.33
C LEU A 158 -44.30 -8.06 31.39
N ASN A 159 -44.78 -7.46 32.47
CA ASN A 159 -45.41 -8.23 33.53
C ASN A 159 -46.71 -8.91 33.06
N ARG A 160 -47.32 -8.34 32.03
CA ARG A 160 -48.59 -8.81 31.52
C ARG A 160 -48.46 -9.97 30.53
N SER A 161 -47.23 -10.36 30.24
CA SER A 161 -46.98 -11.48 29.35
C SER A 161 -46.49 -12.69 30.13
N GLU A 162 -47.05 -13.86 29.82
CA GLU A 162 -46.66 -15.09 30.52
C GLU A 162 -45.54 -15.83 29.81
N GLY A 163 -45.06 -15.28 28.69
CA GLY A 163 -43.98 -15.90 27.94
C GLY A 163 -44.00 -15.52 26.46
N ILE A 164 -43.18 -16.20 25.67
CA ILE A 164 -43.10 -15.92 24.25
C ILE A 164 -44.36 -16.37 23.53
N HIS A 165 -45.10 -17.25 24.18
CA HIS A 165 -46.37 -17.74 23.65
C HIS A 165 -47.49 -16.74 23.87
N ASP A 166 -47.21 -15.71 24.66
CA ASP A 166 -48.22 -14.77 25.10
C ASP A 166 -47.76 -13.33 24.85
N LEU A 167 -47.64 -12.96 23.58
CA LEU A 167 -47.12 -11.64 23.24
C LEU A 167 -48.04 -10.49 23.64
N GLY A 168 -49.33 -10.77 23.85
CA GLY A 168 -50.24 -9.77 24.38
C GLY A 168 -50.62 -8.66 23.42
N ALA A 169 -51.02 -7.52 23.96
CA ALA A 169 -51.47 -6.39 23.14
C ALA A 169 -50.30 -5.67 22.49
N ILE A 170 -50.53 -5.13 21.29
CA ILE A 170 -49.55 -4.25 20.67
C ILE A 170 -49.58 -2.93 21.41
N LYS A 171 -48.41 -2.34 21.60
CA LYS A 171 -48.27 -1.12 22.38
C LYS A 171 -47.94 0.02 21.43
N TRP A 172 -48.95 0.77 21.02
CA TRP A 172 -48.83 1.68 19.87
C TRP A 172 -47.87 2.84 20.12
N ASP A 173 -47.67 3.24 21.36
CA ASP A 173 -46.68 4.28 21.63
C ASP A 173 -45.29 3.76 21.27
N MET A 174 -45.04 2.47 21.46
CA MET A 174 -43.78 1.87 21.05
C MET A 174 -43.69 1.74 19.54
N ALA A 175 -44.78 1.29 18.92
CA ALA A 175 -44.82 1.14 17.47
C ALA A 175 -44.57 2.50 16.81
N LEU A 176 -45.02 3.55 17.48
CA LEU A 176 -44.77 4.89 16.98
C LEU A 176 -43.27 5.16 17.00
N CYS A 177 -42.61 4.81 18.11
CA CYS A 177 -41.17 5.00 18.19
C CYS A 177 -40.43 4.08 17.22
N LEU A 178 -40.95 2.88 17.03
CA LEU A 178 -40.30 1.94 16.12
C LEU A 178 -40.41 2.46 14.69
N LEU A 179 -41.51 3.17 14.40
CA LEU A 179 -41.74 3.70 13.05
C LEU A 179 -40.85 4.90 12.79
N ILE A 180 -40.74 5.78 13.79
CA ILE A 180 -39.89 6.95 13.67
C ILE A 180 -38.45 6.53 13.40
N VAL A 181 -38.05 5.41 13.99
CA VAL A 181 -36.70 4.93 13.81
C VAL A 181 -36.54 4.56 12.35
N TYR A 182 -37.49 3.79 11.84
CA TYR A 182 -37.43 3.32 10.46
C TYR A 182 -37.57 4.46 9.44
N LEU A 183 -38.29 5.52 9.81
CA LEU A 183 -38.37 6.66 8.93
C LEU A 183 -37.00 7.32 8.86
N ILE A 184 -36.36 7.48 10.02
CA ILE A 184 -35.04 8.08 10.08
C ILE A 184 -34.04 7.24 9.27
N CYS A 185 -34.24 5.93 9.29
CA CYS A 185 -33.33 5.05 8.58
C CYS A 185 -33.62 5.09 7.09
N TYR A 186 -34.88 5.28 6.73
CA TYR A 186 -35.26 5.29 5.33
C TYR A 186 -34.69 6.51 4.64
N PHE A 187 -34.89 7.67 5.25
CA PHE A 187 -34.48 8.95 4.65
C PHE A 187 -33.01 9.18 4.89
N SER A 188 -32.36 8.20 5.50
CA SER A 188 -30.92 8.18 5.62
C SER A 188 -30.29 7.30 4.53
N LEU A 189 -31.06 6.33 4.04
CA LEU A 189 -30.49 5.31 3.17
C LEU A 189 -31.07 5.21 1.77
N TRP A 190 -32.17 5.91 1.48
CA TRP A 190 -32.81 5.74 0.16
C TRP A 190 -31.96 6.30 -0.97
N LYS A 191 -31.29 7.41 -0.72
CA LYS A 191 -30.52 8.08 -1.75
C LYS A 191 -29.09 7.51 -1.89
N GLY A 192 -28.75 6.53 -1.06
CA GLY A 192 -27.41 5.98 -1.05
C GLY A 192 -26.42 6.75 -0.20
N ILE A 193 -25.13 6.43 -0.37
CA ILE A 193 -24.09 6.94 0.53
C ILE A 193 -23.90 8.45 0.44
N SER A 194 -24.42 9.06 -0.61
CA SER A 194 -24.32 10.50 -0.82
C SER A 194 -24.99 11.27 0.32
N THR A 195 -26.03 10.68 0.90
CA THR A 195 -26.67 11.27 2.07
C THR A 195 -26.39 10.47 3.33
N SER A 196 -26.26 9.15 3.18
CA SER A 196 -26.02 8.30 4.34
C SER A 196 -24.69 8.66 4.96
N GLY A 197 -23.72 9.02 4.12
CA GLY A 197 -22.40 9.36 4.59
C GLY A 197 -22.34 10.79 5.10
N LYS A 198 -23.46 11.51 4.98
CA LYS A 198 -23.51 12.87 5.50
C LYS A 198 -24.27 12.84 6.82
N VAL A 199 -25.26 11.96 6.89
CA VAL A 199 -26.06 11.81 8.11
C VAL A 199 -25.21 11.36 9.28
N VAL A 200 -24.18 10.57 8.98
CA VAL A 200 -23.40 9.95 10.04
C VAL A 200 -22.55 11.00 10.75
N TRP A 201 -22.42 12.17 10.13
CA TRP A 201 -21.68 13.24 10.78
C TRP A 201 -22.34 13.59 12.10
N PHE A 202 -23.66 13.47 12.13
CA PHE A 202 -24.40 13.71 13.36
C PHE A 202 -24.35 12.47 14.23
N THR A 203 -24.86 11.37 13.68
CA THR A 203 -25.06 10.15 14.46
C THR A 203 -23.74 9.56 14.99
N ALA A 204 -22.63 9.84 14.30
CA ALA A 204 -21.35 9.31 14.71
C ALA A 204 -20.62 10.27 15.66
N LEU A 205 -20.93 11.56 15.53
CA LEU A 205 -20.22 12.60 16.29
C LEU A 205 -20.97 13.02 17.56
N PHE A 206 -22.28 12.99 17.49
CA PHE A 206 -23.10 13.45 18.61
C PHE A 206 -22.77 12.73 19.92
N PRO A 207 -22.60 11.40 19.86
CA PRO A 207 -22.32 10.66 21.09
C PRO A 207 -21.07 11.16 21.80
N TYR A 208 -20.08 11.60 21.06
CA TYR A 208 -18.86 12.11 21.69
C TYR A 208 -19.12 13.44 22.39
N ALA A 209 -20.04 14.24 21.86
CA ALA A 209 -20.37 15.48 22.52
C ALA A 209 -20.97 15.15 23.88
N VAL A 210 -21.97 14.26 23.87
CA VAL A 210 -22.64 13.81 25.09
C VAL A 210 -21.71 13.02 26.02
N LEU A 211 -20.80 12.24 25.44
CA LEU A 211 -19.88 11.48 26.27
C LEU A 211 -19.00 12.42 27.09
N LEU A 212 -18.65 13.55 26.49
CA LEU A 212 -17.81 14.56 27.15
C LEU A 212 -18.59 15.26 28.28
N ILE A 213 -19.82 15.65 27.98
CA ILE A 213 -20.65 16.35 28.95
C ILE A 213 -20.93 15.45 30.15
N LEU A 214 -21.30 14.20 29.88
CA LEU A 214 -21.54 13.23 30.93
C LEU A 214 -20.27 12.84 31.65
N LEU A 215 -19.16 12.88 30.93
CA LEU A 215 -17.89 12.53 31.55
C LEU A 215 -17.53 13.57 32.61
N ILE A 216 -17.96 14.82 32.41
CA ILE A 216 -17.61 15.89 33.33
C ILE A 216 -18.56 15.92 34.52
N ARG A 217 -19.85 15.78 34.24
CA ARG A 217 -20.84 15.70 35.29
C ARG A 217 -20.56 14.45 36.10
N GLY A 218 -20.03 13.43 35.44
CA GLY A 218 -19.75 12.17 36.11
C GLY A 218 -18.62 12.31 37.08
N LEU A 219 -17.53 12.90 36.61
CA LEU A 219 -16.29 12.94 37.39
C LEU A 219 -16.33 14.03 38.45
N THR A 220 -17.27 14.95 38.33
CA THR A 220 -17.48 15.95 39.37
C THR A 220 -18.41 15.50 40.51
N LEU A 221 -19.01 14.32 40.38
CA LEU A 221 -19.94 13.82 41.39
C LEU A 221 -19.22 13.31 42.65
N PRO A 222 -19.85 13.49 43.82
CA PRO A 222 -19.23 12.83 44.98
C PRO A 222 -19.19 11.32 44.75
N GLY A 223 -18.11 10.68 45.15
CA GLY A 223 -17.97 9.24 44.99
C GLY A 223 -17.52 8.81 43.60
N SER A 224 -17.31 9.76 42.70
CA SER A 224 -16.93 9.40 41.33
C SER A 224 -15.57 8.68 41.27
N PHE A 225 -14.61 9.08 42.10
CA PHE A 225 -13.34 8.38 42.10
C PHE A 225 -13.51 6.95 42.62
N LEU A 226 -14.48 6.75 43.50
CA LEU A 226 -14.70 5.41 44.01
C LEU A 226 -15.14 4.51 42.86
N GLY A 227 -15.86 5.09 41.91
CA GLY A 227 -16.36 4.34 40.78
C GLY A 227 -15.21 3.95 39.88
N ILE A 228 -14.34 4.92 39.62
CA ILE A 228 -13.21 4.67 38.75
C ILE A 228 -12.35 3.56 39.34
N GLN A 229 -12.36 3.44 40.66
CA GLN A 229 -11.61 2.39 41.34
C GLN A 229 -12.16 1.00 41.04
N TYR A 230 -13.48 0.88 41.07
CA TYR A 230 -14.14 -0.38 40.74
C TYR A 230 -13.95 -0.72 39.27
N TYR A 231 -13.86 0.34 38.46
CA TYR A 231 -13.73 0.19 37.03
C TYR A 231 -12.35 -0.38 36.68
N LEU A 232 -11.30 0.26 37.19
CA LEU A 232 -9.97 0.01 36.65
C LEU A 232 -8.94 -0.62 37.59
N THR A 233 -9.27 -0.83 38.86
CA THR A 233 -8.24 -1.31 39.78
C THR A 233 -7.79 -2.71 39.38
N PRO A 234 -6.49 -2.85 39.10
CA PRO A 234 -5.94 -4.08 38.54
C PRO A 234 -6.04 -5.25 39.49
N ASN A 235 -6.23 -6.44 38.91
CA ASN A 235 -6.20 -7.69 39.63
C ASN A 235 -5.86 -8.80 38.62
N PHE A 236 -4.57 -9.07 38.46
CA PHE A 236 -4.08 -9.92 37.38
C PHE A 236 -4.36 -11.38 37.63
N SER A 237 -4.92 -11.68 38.80
CA SER A 237 -5.37 -13.02 39.13
C SER A 237 -6.41 -13.49 38.11
N ALA A 238 -7.18 -12.54 37.59
CA ALA A 238 -8.18 -12.85 36.58
C ALA A 238 -7.57 -13.42 35.29
N ILE A 239 -6.37 -12.94 34.93
CA ILE A 239 -5.76 -13.29 33.65
C ILE A 239 -5.53 -14.79 33.57
N TYR A 240 -5.39 -15.44 34.73
CA TYR A 240 -5.14 -16.87 34.76
C TYR A 240 -6.29 -17.66 34.13
N LYS A 241 -7.52 -17.18 34.32
CA LYS A 241 -8.72 -17.92 33.88
C LYS A 241 -9.02 -17.84 32.37
N ALA A 242 -9.52 -18.94 31.83
CA ALA A 242 -9.90 -19.00 30.42
C ALA A 242 -11.10 -18.15 30.12
N GLU A 243 -12.02 -18.06 31.09
CA GLU A 243 -13.26 -17.36 30.86
C GLU A 243 -13.01 -15.88 30.58
N VAL A 244 -11.95 -15.34 31.15
CA VAL A 244 -11.61 -13.94 30.92
C VAL A 244 -11.12 -13.70 29.51
N TRP A 245 -10.23 -14.56 29.01
CA TRP A 245 -9.77 -14.43 27.63
C TRP A 245 -10.91 -14.62 26.63
N VAL A 246 -11.86 -15.50 26.96
CA VAL A 246 -13.03 -15.70 26.12
C VAL A 246 -13.92 -14.47 26.09
N ASP A 247 -14.00 -13.79 27.23
CA ASP A 247 -14.76 -12.55 27.34
C ASP A 247 -14.12 -11.47 26.51
N ALA A 248 -12.80 -11.42 26.54
CA ALA A 248 -12.05 -10.47 25.72
C ALA A 248 -12.17 -10.84 24.24
N ALA A 249 -12.07 -12.12 23.93
CA ALA A 249 -12.13 -12.53 22.55
C ALA A 249 -13.49 -12.15 21.97
N THR A 250 -14.55 -12.55 22.67
CA THR A 250 -15.89 -12.28 22.16
C THR A 250 -16.22 -10.79 22.10
N GLN A 251 -15.73 -10.01 23.06
CA GLN A 251 -16.06 -8.59 23.07
C GLN A 251 -15.37 -7.92 21.90
N VAL A 252 -14.11 -8.29 21.70
CA VAL A 252 -13.34 -7.74 20.61
C VAL A 252 -14.01 -8.08 19.31
N PHE A 253 -14.43 -9.34 19.17
CA PHE A 253 -15.02 -9.75 17.90
C PHE A 253 -16.33 -9.03 17.61
N PHE A 254 -17.26 -8.98 18.56
CA PHE A 254 -18.55 -8.36 18.30
C PHE A 254 -18.51 -6.83 18.32
N SER A 255 -17.46 -6.24 18.90
CA SER A 255 -17.41 -4.79 18.98
C SER A 255 -16.97 -4.17 17.66
N LEU A 256 -15.89 -4.70 17.08
CA LEU A 256 -15.51 -4.41 15.70
C LEU A 256 -16.52 -5.15 14.83
N GLY A 257 -16.72 -4.74 13.60
CA GLY A 257 -17.82 -5.39 12.89
C GLY A 257 -17.54 -6.60 12.00
N PRO A 258 -16.35 -7.24 12.14
CA PRO A 258 -15.82 -7.98 10.99
C PRO A 258 -16.68 -9.15 10.54
N GLY A 259 -16.75 -9.35 9.22
CA GLY A 259 -17.44 -10.46 8.61
C GLY A 259 -18.95 -10.38 8.48
N PHE A 260 -19.54 -9.22 8.77
CA PHE A 260 -20.99 -9.04 8.64
C PHE A 260 -21.36 -8.51 7.27
N GLY A 261 -20.33 -8.25 6.45
CA GLY A 261 -20.51 -7.72 5.12
C GLY A 261 -20.78 -6.23 5.16
N VAL A 262 -20.78 -5.66 6.36
CA VAL A 262 -21.00 -4.24 6.51
C VAL A 262 -19.76 -3.44 6.17
N LEU A 263 -18.63 -3.84 6.74
CA LEU A 263 -17.38 -3.19 6.43
C LEU A 263 -17.06 -3.41 4.96
N LEU A 264 -17.52 -4.56 4.45
CA LEU A 264 -17.28 -4.94 3.08
C LEU A 264 -17.96 -3.95 2.16
N ALA A 265 -19.22 -3.66 2.45
CA ALA A 265 -19.99 -2.79 1.58
C ALA A 265 -19.43 -1.36 1.63
N TYR A 266 -19.06 -0.92 2.81
CA TYR A 266 -18.61 0.44 3.00
C TYR A 266 -17.28 0.69 2.29
N ALA A 267 -16.39 -0.30 2.38
CA ALA A 267 -15.09 -0.19 1.73
C ALA A 267 -15.23 -0.32 0.22
N SER A 268 -16.34 -0.91 -0.22
CA SER A 268 -16.55 -1.16 -1.66
C SER A 268 -16.77 0.15 -2.42
N TYR A 269 -17.09 1.21 -1.69
CA TYR A 269 -17.26 2.53 -2.29
C TYR A 269 -16.00 3.39 -2.12
N ASN A 270 -14.94 2.80 -1.59
CA ASN A 270 -13.64 3.47 -1.55
C ASN A 270 -12.99 3.61 -2.92
N LYS A 271 -12.19 4.67 -3.09
CA LYS A 271 -11.30 4.73 -4.22
C LYS A 271 -10.27 3.60 -4.08
N TYR A 272 -9.94 2.97 -5.20
CA TYR A 272 -9.16 1.73 -5.17
C TYR A 272 -7.81 1.84 -4.50
N HIS A 273 -7.15 2.99 -4.65
CA HIS A 273 -5.80 3.17 -4.11
C HIS A 273 -5.83 3.91 -2.79
N ASN A 274 -6.99 3.89 -2.13
CA ASN A 274 -7.13 4.43 -0.80
C ASN A 274 -6.30 3.62 0.20
N ASN A 275 -5.73 4.29 1.20
CA ASN A 275 -4.94 3.56 2.19
C ASN A 275 -5.84 2.89 3.22
N VAL A 276 -6.45 1.78 2.83
CA VAL A 276 -7.44 1.10 3.66
C VAL A 276 -6.81 0.61 4.96
N TYR A 277 -5.52 0.29 4.94
CA TYR A 277 -4.82 -0.15 6.15
C TYR A 277 -4.69 0.96 7.20
N LYS A 278 -4.43 2.18 6.76
CA LYS A 278 -4.38 3.30 7.69
C LYS A 278 -5.78 3.51 8.25
N ASP A 279 -6.79 3.34 7.41
CA ASP A 279 -8.19 3.51 7.83
C ASP A 279 -8.61 2.44 8.83
N ALA A 280 -8.16 1.22 8.63
CA ALA A 280 -8.52 0.14 9.53
C ALA A 280 -7.93 0.34 10.91
N LEU A 281 -6.74 0.94 10.99
CA LEU A 281 -6.09 1.13 12.29
C LEU A 281 -6.66 2.31 13.04
N LEU A 282 -6.86 3.42 12.34
CA LEU A 282 -7.39 4.61 12.98
C LEU A 282 -8.77 4.28 13.53
N THR A 283 -9.51 3.55 12.72
CA THR A 283 -10.88 3.22 13.03
C THR A 283 -10.99 2.21 14.16
N SER A 284 -10.14 1.19 14.19
CA SER A 284 -10.16 0.20 15.28
C SER A 284 -9.94 0.96 16.58
N PHE A 285 -8.93 1.82 16.55
CA PHE A 285 -8.47 2.48 17.75
C PHE A 285 -9.56 3.34 18.36
N ILE A 286 -10.28 4.05 17.52
CA ILE A 286 -11.35 4.93 17.99
C ILE A 286 -12.48 4.14 18.66
N ASN A 287 -12.73 2.94 18.13
CA ASN A 287 -13.78 2.09 18.69
C ASN A 287 -13.44 1.72 20.13
N SER A 288 -12.27 1.16 20.34
CA SER A 288 -11.87 0.76 21.67
C SER A 288 -11.69 1.96 22.59
N ALA A 289 -11.18 3.06 22.07
CA ALA A 289 -10.94 4.21 22.92
C ALA A 289 -12.26 4.73 23.45
N THR A 290 -13.29 4.64 22.61
CA THR A 290 -14.62 5.06 23.04
C THR A 290 -15.15 4.21 24.17
N SER A 291 -14.85 2.91 24.13
CA SER A 291 -15.29 2.04 25.21
C SER A 291 -14.59 2.41 26.50
N PHE A 292 -13.32 2.76 26.38
CA PHE A 292 -12.51 3.08 27.54
C PHE A 292 -13.10 4.31 28.21
N ILE A 293 -13.38 5.32 27.39
CA ILE A 293 -13.95 6.58 27.87
C ILE A 293 -15.30 6.39 28.53
N ALA A 294 -16.16 5.66 27.83
CA ALA A 294 -17.54 5.47 28.25
C ALA A 294 -17.55 4.79 29.60
N GLY A 295 -16.51 3.99 29.84
CA GLY A 295 -16.41 3.29 31.10
C GLY A 295 -16.26 4.29 32.23
N PHE A 296 -15.50 5.34 31.98
CA PHE A 296 -15.35 6.36 33.00
C PHE A 296 -16.69 7.03 33.21
N VAL A 297 -17.43 7.23 32.12
CA VAL A 297 -18.73 7.90 32.19
C VAL A 297 -19.69 7.12 33.07
N ILE A 298 -19.66 5.80 32.93
CA ILE A 298 -20.59 4.92 33.61
C ILE A 298 -20.19 4.78 35.08
N PHE A 299 -18.93 4.44 35.32
CA PHE A 299 -18.54 4.08 36.68
C PHE A 299 -18.33 5.28 37.61
N SER A 300 -18.13 6.46 37.04
CA SER A 300 -18.09 7.64 37.87
C SER A 300 -19.46 7.76 38.50
N VAL A 301 -20.50 7.64 37.67
CA VAL A 301 -21.88 7.67 38.15
C VAL A 301 -22.22 6.46 39.02
N LEU A 302 -21.67 5.30 38.66
CA LEU A 302 -21.90 4.10 39.46
C LEU A 302 -21.30 4.28 40.84
N GLY A 303 -20.17 4.98 40.90
CA GLY A 303 -19.52 5.23 42.17
C GLY A 303 -20.33 6.21 42.98
N TYR A 304 -20.93 7.17 42.29
CA TYR A 304 -21.77 8.17 42.95
C TYR A 304 -23.02 7.50 43.52
N MET A 305 -23.49 6.44 42.87
CA MET A 305 -24.66 5.77 43.39
C MET A 305 -24.31 5.06 44.70
N ALA A 306 -23.15 4.40 44.72
CA ALA A 306 -22.73 3.62 45.89
C ALA A 306 -22.40 4.50 47.10
N HIS A 307 -21.75 5.62 46.84
CA HIS A 307 -21.34 6.56 47.87
C HIS A 307 -22.52 7.38 48.43
N THR A 308 -23.36 7.87 47.53
CA THR A 308 -24.41 8.80 47.88
C THR A 308 -25.76 8.12 48.14
N LEU A 309 -26.22 7.33 47.17
CA LEU A 309 -27.57 6.77 47.17
C LEU A 309 -27.68 5.49 48.01
N GLY A 310 -26.54 5.00 48.49
CA GLY A 310 -26.52 3.90 49.44
C GLY A 310 -26.97 2.59 48.84
N VAL A 311 -26.13 2.03 47.98
CA VAL A 311 -26.43 0.81 47.27
C VAL A 311 -25.14 0.08 46.96
N ARG A 312 -25.14 -1.25 47.02
CA ARG A 312 -23.92 -1.99 46.75
C ARG A 312 -23.48 -1.81 45.30
N ILE A 313 -22.18 -1.65 45.07
CA ILE A 313 -21.69 -1.41 43.72
C ILE A 313 -22.05 -2.60 42.82
N GLU A 314 -22.00 -3.80 43.39
CA GLU A 314 -22.26 -4.99 42.59
C GLU A 314 -23.71 -5.02 42.12
N ASP A 315 -24.60 -4.32 42.82
CA ASP A 315 -26.01 -4.30 42.41
C ASP A 315 -26.33 -3.30 41.30
N VAL A 316 -25.48 -2.27 41.13
CA VAL A 316 -25.72 -1.27 40.09
C VAL A 316 -24.80 -1.48 38.89
N ALA A 317 -23.68 -2.18 39.10
CA ALA A 317 -22.73 -2.40 38.02
C ALA A 317 -23.20 -3.58 37.20
N THR A 318 -23.82 -3.27 36.07
CA THR A 318 -24.45 -4.29 35.26
C THR A 318 -24.31 -4.00 33.76
N GLU A 319 -24.57 -5.02 32.96
CA GLU A 319 -24.48 -4.94 31.51
C GLU A 319 -25.83 -4.88 30.81
N GLY A 320 -25.81 -4.55 29.52
CA GLY A 320 -26.99 -4.67 28.68
C GLY A 320 -28.01 -3.60 28.93
N PRO A 321 -29.25 -3.83 28.48
CA PRO A 321 -30.28 -2.80 28.52
C PRO A 321 -30.52 -2.28 29.94
N GLY A 322 -30.35 -3.16 30.93
CA GLY A 322 -30.66 -2.77 32.29
C GLY A 322 -29.80 -1.61 32.74
N LEU A 323 -28.55 -1.56 32.26
CA LEU A 323 -27.65 -0.49 32.67
C LEU A 323 -28.14 0.86 32.16
N VAL A 324 -28.49 0.93 30.87
CA VAL A 324 -28.83 2.21 30.26
C VAL A 324 -30.29 2.60 30.44
N PHE A 325 -31.18 1.62 30.55
CA PHE A 325 -32.60 1.95 30.66
C PHE A 325 -33.13 1.95 32.10
N VAL A 326 -32.29 1.58 33.06
CA VAL A 326 -32.71 1.46 34.43
C VAL A 326 -31.72 2.08 35.40
N VAL A 327 -30.53 1.50 35.50
CA VAL A 327 -29.58 1.97 36.49
C VAL A 327 -29.08 3.40 36.27
N TYR A 328 -28.58 3.69 35.08
CA TYR A 328 -28.08 5.04 34.79
C TYR A 328 -29.16 6.13 34.89
N PRO A 329 -30.33 5.90 34.30
CA PRO A 329 -31.44 6.85 34.46
C PRO A 329 -31.81 7.05 35.93
N ALA A 330 -31.68 6.01 36.73
CA ALA A 330 -31.91 6.13 38.16
C ALA A 330 -30.99 7.18 38.77
N ALA A 331 -29.70 7.11 38.46
CA ALA A 331 -28.70 8.02 39.02
C ALA A 331 -28.94 9.44 38.53
N ILE A 332 -29.34 9.56 37.28
CA ILE A 332 -29.54 10.85 36.65
C ILE A 332 -30.62 11.64 37.37
N ALA A 333 -31.65 10.92 37.81
CA ALA A 333 -32.85 11.52 38.36
C ALA A 333 -32.60 12.18 39.71
N THR A 334 -31.54 11.75 40.39
CA THR A 334 -31.17 12.33 41.67
C THR A 334 -30.35 13.59 41.52
N MET A 335 -29.85 13.84 40.31
CA MET A 335 -28.98 14.99 40.06
C MET A 335 -29.74 16.27 39.77
N PRO A 336 -29.18 17.42 40.20
CA PRO A 336 -29.72 18.69 39.74
C PRO A 336 -29.60 18.84 38.23
N ALA A 337 -30.58 19.47 37.60
CA ALA A 337 -30.64 19.57 36.15
C ALA A 337 -30.84 18.22 35.49
N SER A 338 -31.54 17.33 36.20
CA SER A 338 -31.70 15.95 35.75
C SER A 338 -32.35 15.82 34.37
N THR A 339 -33.31 16.69 34.09
CA THR A 339 -34.05 16.61 32.84
C THR A 339 -33.11 16.76 31.65
N PHE A 340 -32.06 17.55 31.85
CA PHE A 340 -31.09 17.79 30.78
C PHE A 340 -30.22 16.57 30.56
N TRP A 341 -29.72 15.98 31.64
CA TRP A 341 -28.90 14.78 31.54
C TRP A 341 -29.69 13.63 30.91
N ALA A 342 -30.99 13.57 31.22
CA ALA A 342 -31.77 12.48 30.70
C ALA A 342 -31.95 12.63 29.19
N LEU A 343 -32.26 13.85 28.73
CA LEU A 343 -32.56 14.07 27.30
C LEU A 343 -31.36 13.83 26.40
N ILE A 344 -30.17 14.20 26.87
CA ILE A 344 -28.98 13.95 26.06
C ILE A 344 -28.49 12.51 26.23
N PHE A 345 -28.77 11.89 27.37
CA PHE A 345 -28.39 10.49 27.53
C PHE A 345 -29.15 9.62 26.55
N PHE A 346 -30.47 9.77 26.54
CA PHE A 346 -31.28 8.93 25.68
C PHE A 346 -31.10 9.29 24.21
N MET A 347 -30.74 10.53 23.92
CA MET A 347 -30.46 10.91 22.55
C MET A 347 -29.17 10.21 22.11
N MET A 348 -28.18 10.19 23.01
CA MET A 348 -26.92 9.54 22.71
C MET A 348 -27.14 8.06 22.48
N LEU A 349 -28.05 7.47 23.25
CA LEU A 349 -28.28 6.04 23.13
C LEU A 349 -28.80 5.72 21.75
N ALA A 350 -29.68 6.59 21.24
CA ALA A 350 -30.32 6.35 19.97
C ALA A 350 -29.34 6.55 18.82
N THR A 351 -28.56 7.63 18.88
CA THR A 351 -27.57 7.88 17.83
C THR A 351 -26.48 6.81 17.86
N LEU A 352 -26.24 6.24 19.05
CA LEU A 352 -25.29 5.15 19.17
C LEU A 352 -25.74 3.93 18.40
N GLY A 353 -27.06 3.74 18.34
CA GLY A 353 -27.63 2.59 17.66
C GLY A 353 -27.91 2.80 16.18
N LEU A 354 -28.23 4.04 15.82
CA LEU A 354 -28.61 4.37 14.44
C LEU A 354 -27.51 4.11 13.42
N ASP A 355 -26.25 4.51 13.70
CA ASP A 355 -25.17 4.31 12.71
C ASP A 355 -25.06 2.82 12.46
N SER A 356 -25.32 2.04 13.51
CA SER A 356 -25.10 0.60 13.45
C SER A 356 -26.20 -0.07 12.65
N SER A 357 -27.44 0.34 12.85
CA SER A 357 -28.51 -0.21 12.03
C SER A 357 -28.30 0.21 10.57
N PHE A 358 -27.72 1.40 10.36
CA PHE A 358 -27.43 1.88 9.01
C PHE A 358 -26.55 0.88 8.30
N GLY A 359 -25.49 0.46 8.98
CA GLY A 359 -24.51 -0.41 8.37
C GLY A 359 -25.08 -1.78 8.09
N GLY A 360 -25.93 -2.27 8.98
CA GLY A 360 -26.50 -3.58 8.78
C GLY A 360 -27.38 -3.57 7.55
N SER A 361 -28.20 -2.55 7.41
CA SER A 361 -29.08 -2.44 6.25
C SER A 361 -28.26 -2.24 4.97
N GLU A 362 -27.21 -1.43 5.05
CA GLU A 362 -26.43 -1.15 3.87
C GLU A 362 -25.70 -2.39 3.41
N ALA A 363 -25.37 -3.27 4.35
CA ALA A 363 -24.73 -4.52 3.97
C ALA A 363 -25.70 -5.28 3.09
N ILE A 364 -26.98 -5.12 3.39
CA ILE A 364 -28.02 -5.83 2.68
C ILE A 364 -28.31 -5.17 1.34
N ILE A 365 -28.58 -3.87 1.36
CA ILE A 365 -28.94 -3.18 0.13
C ILE A 365 -27.82 -3.29 -0.89
N THR A 366 -26.59 -3.02 -0.45
CA THR A 366 -25.45 -3.07 -1.35
C THR A 366 -25.24 -4.48 -1.86
N ALA A 367 -25.49 -5.48 -1.04
CA ALA A 367 -25.30 -6.84 -1.51
C ALA A 367 -26.32 -7.14 -2.60
N LEU A 368 -27.59 -6.87 -2.30
CA LEU A 368 -28.65 -7.11 -3.28
C LEU A 368 -28.57 -6.16 -4.47
N SER A 369 -28.07 -4.94 -4.26
CA SER A 369 -27.97 -3.98 -5.36
C SER A 369 -26.97 -4.46 -6.42
N ASP A 370 -26.01 -5.27 -6.00
CA ASP A 370 -24.97 -5.72 -6.91
C ASP A 370 -25.31 -7.05 -7.58
N GLU A 371 -26.04 -7.91 -6.87
CA GLU A 371 -26.55 -9.15 -7.49
C GLU A 371 -27.69 -8.91 -8.47
N PHE A 372 -28.46 -7.86 -8.23
CA PHE A 372 -29.70 -7.68 -8.96
C PHE A 372 -29.86 -6.24 -9.43
N PRO A 373 -29.57 -5.98 -10.71
CA PRO A 373 -29.67 -4.64 -11.28
C PRO A 373 -31.10 -4.16 -11.17
N LYS A 374 -32.03 -5.11 -11.15
CA LYS A 374 -33.44 -4.79 -10.96
C LYS A 374 -33.66 -3.90 -9.72
N ILE A 375 -33.14 -4.33 -8.57
CA ILE A 375 -33.34 -3.56 -7.33
C ILE A 375 -32.39 -2.36 -7.21
N LYS A 376 -31.21 -2.48 -7.82
CA LYS A 376 -30.25 -1.37 -7.84
C LYS A 376 -30.80 -0.16 -8.57
N ARG A 377 -31.58 -0.42 -9.63
CA ARG A 377 -32.22 0.64 -10.41
C ARG A 377 -33.32 1.29 -9.58
N ASN A 378 -33.86 0.51 -8.64
CA ASN A 378 -35.02 0.93 -7.87
C ASN A 378 -34.79 1.01 -6.36
N ARG A 379 -33.63 1.55 -5.97
CA ARG A 379 -33.24 1.57 -4.58
C ARG A 379 -34.27 2.19 -3.65
N GLU A 380 -34.77 3.38 -4.00
CA GLU A 380 -35.66 4.11 -3.11
C GLU A 380 -36.92 3.29 -2.87
N LEU A 381 -37.26 2.47 -3.87
CA LEU A 381 -38.38 1.56 -3.73
C LEU A 381 -38.03 0.37 -2.85
N PHE A 382 -36.86 -0.22 -3.07
CA PHE A 382 -36.52 -1.48 -2.40
C PHE A 382 -36.43 -1.34 -0.88
N VAL A 383 -35.75 -0.29 -0.43
CA VAL A 383 -35.59 -0.12 1.01
C VAL A 383 -36.95 0.13 1.66
N ALA A 384 -37.83 0.80 0.93
CA ALA A 384 -39.15 1.09 1.47
C ALA A 384 -39.89 -0.21 1.72
N GLY A 385 -39.63 -1.19 0.85
CA GLY A 385 -40.28 -2.48 1.02
C GLY A 385 -39.65 -3.25 2.14
N LEU A 386 -38.34 -3.07 2.28
CA LEU A 386 -37.58 -3.76 3.30
C LEU A 386 -37.92 -3.23 4.70
N PHE A 387 -37.89 -1.91 4.86
CA PHE A 387 -38.19 -1.34 6.15
C PHE A 387 -39.66 -1.57 6.48
N SER A 388 -40.47 -1.76 5.45
CA SER A 388 -41.87 -2.06 5.71
C SER A 388 -41.99 -3.45 6.30
N LEU A 389 -41.25 -4.40 5.75
CA LEU A 389 -41.25 -5.76 6.29
C LEU A 389 -40.64 -5.74 7.71
N TYR A 390 -39.68 -4.85 7.95
CA TYR A 390 -39.10 -4.67 9.27
C TYR A 390 -40.13 -4.15 10.25
N PHE A 391 -40.81 -3.09 9.86
CA PHE A 391 -41.77 -2.44 10.73
C PHE A 391 -42.91 -3.38 11.07
N VAL A 392 -43.31 -4.22 10.10
CA VAL A 392 -44.45 -5.08 10.31
C VAL A 392 -44.10 -6.25 11.21
N VAL A 393 -43.02 -6.95 10.87
CA VAL A 393 -42.57 -8.05 11.72
C VAL A 393 -42.13 -7.50 13.05
N GLY A 394 -41.63 -6.26 13.04
CA GLY A 394 -41.09 -5.65 14.25
C GLY A 394 -42.19 -5.29 15.23
N LEU A 395 -43.42 -5.24 14.75
CA LEU A 395 -44.55 -4.93 15.62
C LEU A 395 -44.65 -5.99 16.72
N ALA A 396 -44.09 -7.17 16.46
CA ALA A 396 -44.07 -8.23 17.47
C ALA A 396 -43.30 -7.78 18.71
N SER A 397 -42.24 -7.03 18.51
CA SER A 397 -41.40 -6.61 19.64
C SER A 397 -41.96 -5.36 20.33
N CYS A 398 -43.01 -4.78 19.74
CA CYS A 398 -43.72 -3.69 20.40
C CYS A 398 -44.90 -4.23 21.24
N THR A 399 -45.08 -5.54 21.26
CA THR A 399 -46.11 -6.15 22.09
C THR A 399 -45.67 -6.25 23.55
N GLN A 400 -46.61 -6.52 24.44
CA GLN A 400 -46.35 -6.56 25.86
C GLN A 400 -45.35 -7.64 26.22
N GLY A 401 -45.38 -8.72 25.46
CA GLY A 401 -44.43 -9.79 25.64
C GLY A 401 -43.21 -9.58 24.75
N GLY A 402 -43.10 -8.38 24.19
CA GLY A 402 -42.12 -8.12 23.15
C GLY A 402 -40.67 -8.32 23.56
N PHE A 403 -40.36 -8.10 24.84
CA PHE A 403 -38.99 -8.33 25.27
C PHE A 403 -38.63 -9.80 25.08
N TYR A 404 -39.60 -10.69 25.27
CA TYR A 404 -39.31 -12.12 25.19
C TYR A 404 -38.94 -12.48 23.76
N PHE A 405 -39.51 -11.71 22.84
CA PHE A 405 -39.25 -11.88 21.40
C PHE A 405 -37.90 -11.28 21.05
N PHE A 406 -37.65 -10.09 21.58
CA PHE A 406 -36.36 -9.43 21.42
C PHE A 406 -35.27 -10.35 21.93
N HIS A 407 -35.45 -10.86 23.14
CA HIS A 407 -34.41 -11.65 23.78
C HIS A 407 -34.11 -12.93 23.00
N LEU A 408 -35.14 -13.50 22.38
CA LEU A 408 -34.95 -14.72 21.60
C LEU A 408 -34.04 -14.48 20.41
N LEU A 409 -34.39 -13.46 19.60
CA LEU A 409 -33.56 -13.12 18.46
C LEU A 409 -32.16 -12.70 18.89
N ASP A 410 -32.08 -11.96 19.99
CA ASP A 410 -30.82 -11.39 20.42
C ASP A 410 -29.83 -12.50 20.65
N ARG A 411 -30.35 -13.65 21.04
CA ARG A 411 -29.50 -14.80 21.31
C ARG A 411 -29.16 -15.61 20.09
N TYR A 412 -30.18 -15.87 19.27
CA TYR A 412 -30.05 -16.87 18.21
C TYR A 412 -29.79 -16.29 16.82
N ALA A 413 -30.23 -15.06 16.58
CA ALA A 413 -30.21 -14.51 15.23
C ALA A 413 -28.81 -14.48 14.61
N ALA A 414 -27.86 -13.97 15.37
CA ALA A 414 -26.56 -13.72 14.78
C ALA A 414 -25.41 -14.35 15.54
N GLY A 415 -25.62 -14.66 16.82
CA GLY A 415 -24.53 -15.08 17.68
C GLY A 415 -23.66 -16.21 17.17
N TYR A 416 -24.18 -17.43 17.23
CA TYR A 416 -23.45 -18.60 16.76
C TYR A 416 -23.26 -18.56 15.24
N SER A 417 -24.20 -17.94 14.54
CA SER A 417 -24.19 -18.04 13.08
C SER A 417 -23.01 -17.32 12.45
N ILE A 418 -22.80 -16.06 12.86
CA ILE A 418 -21.80 -15.23 12.23
C ILE A 418 -20.39 -15.77 12.50
N LEU A 419 -20.20 -16.42 13.64
CA LEU A 419 -18.88 -16.95 13.97
C LEU A 419 -18.44 -18.01 12.99
N VAL A 420 -19.37 -18.80 12.48
CA VAL A 420 -18.99 -19.84 11.54
C VAL A 420 -18.84 -19.22 10.16
N ALA A 421 -19.67 -18.22 9.87
CA ALA A 421 -19.55 -17.50 8.61
C ALA A 421 -18.17 -16.85 8.50
N VAL A 422 -17.79 -16.10 9.53
CA VAL A 422 -16.50 -15.44 9.52
C VAL A 422 -15.40 -16.48 9.51
N PHE A 423 -15.63 -17.62 10.14
CA PHE A 423 -14.58 -18.64 10.19
C PHE A 423 -14.27 -19.14 8.79
N PHE A 424 -15.31 -19.34 7.99
CA PHE A 424 -15.10 -19.72 6.60
C PHE A 424 -14.56 -18.58 5.79
N GLU A 425 -14.91 -17.34 6.17
CA GLU A 425 -14.37 -16.16 5.51
C GLU A 425 -12.84 -16.09 5.66
N ALA A 426 -12.36 -16.38 6.86
CA ALA A 426 -10.93 -16.39 7.12
C ALA A 426 -10.26 -17.50 6.33
N ILE A 427 -10.86 -18.69 6.42
CA ILE A 427 -10.34 -19.89 5.75
C ILE A 427 -10.37 -19.72 4.24
N ALA A 428 -11.40 -19.08 3.74
CA ALA A 428 -11.53 -18.86 2.30
C ALA A 428 -10.45 -17.92 1.82
N VAL A 429 -10.28 -16.82 2.54
CA VAL A 429 -9.33 -15.81 2.14
C VAL A 429 -7.91 -16.33 2.21
N SER A 430 -7.51 -16.83 3.38
CA SER A 430 -6.12 -17.22 3.58
C SER A 430 -5.69 -18.50 2.87
N TRP A 431 -6.59 -19.47 2.74
CA TRP A 431 -6.19 -20.82 2.37
C TRP A 431 -6.72 -21.29 1.04
N ILE A 432 -7.90 -20.84 0.64
CA ILE A 432 -8.41 -21.22 -0.67
C ILE A 432 -7.93 -20.18 -1.67
N TYR A 433 -8.35 -18.94 -1.46
CA TYR A 433 -7.93 -17.82 -2.29
C TYR A 433 -6.43 -17.57 -2.18
N GLY A 434 -5.89 -17.80 -0.98
CA GLY A 434 -4.47 -17.61 -0.72
C GLY A 434 -4.08 -16.26 -0.16
N THR A 435 -3.19 -16.26 0.85
CA THR A 435 -2.65 -15.02 1.38
C THR A 435 -1.78 -14.35 0.32
N ASN A 436 -1.15 -15.17 -0.52
CA ASN A 436 -0.34 -14.68 -1.63
C ASN A 436 -1.11 -13.74 -2.51
N ARG A 437 -2.25 -14.20 -3.00
CA ARG A 437 -3.04 -13.38 -3.90
C ARG A 437 -3.49 -12.14 -3.13
N PHE A 438 -3.90 -12.32 -1.89
CA PHE A 438 -4.48 -11.23 -1.12
C PHE A 438 -3.45 -10.15 -0.84
N SER A 439 -2.24 -10.55 -0.47
CA SER A 439 -1.18 -9.59 -0.19
C SER A 439 -0.87 -8.78 -1.42
N GLU A 440 -0.82 -9.47 -2.56
CA GLU A 440 -0.60 -8.85 -3.85
C GLU A 440 -1.73 -7.90 -4.20
N ASP A 441 -2.95 -8.23 -3.80
CA ASP A 441 -4.09 -7.36 -4.05
C ASP A 441 -3.90 -6.11 -3.21
N ILE A 442 -3.49 -6.29 -1.97
CA ILE A 442 -3.36 -5.17 -1.08
C ILE A 442 -2.23 -4.23 -1.53
N ARG A 443 -1.13 -4.78 -2.03
CA ARG A 443 -0.07 -3.89 -2.54
C ARG A 443 -0.51 -3.14 -3.78
N ASP A 444 -1.26 -3.79 -4.66
CA ASP A 444 -1.67 -3.10 -5.87
C ASP A 444 -2.52 -1.91 -5.48
N MET A 445 -3.23 -2.03 -4.36
CA MET A 445 -4.03 -0.93 -3.87
C MET A 445 -3.19 0.12 -3.14
N ILE A 446 -2.48 -0.29 -2.10
CA ILE A 446 -1.85 0.69 -1.20
C ILE A 446 -0.34 0.79 -1.35
N GLY A 447 0.21 0.00 -2.27
CA GLY A 447 1.61 0.13 -2.65
C GLY A 447 2.57 -0.76 -1.89
N PHE A 448 2.10 -1.41 -0.83
CA PHE A 448 2.97 -2.36 -0.15
C PHE A 448 2.21 -3.58 0.31
N PRO A 449 2.90 -4.72 0.38
CA PRO A 449 2.36 -5.94 0.97
C PRO A 449 2.10 -5.77 2.46
N PRO A 450 1.09 -6.48 2.99
CA PRO A 450 0.88 -6.58 4.44
C PRO A 450 2.08 -7.27 5.07
N GLY A 451 2.44 -6.89 6.30
CA GLY A 451 3.57 -7.52 6.96
C GLY A 451 3.32 -8.99 7.21
N ARG A 452 4.36 -9.75 7.51
CA ARG A 452 4.17 -11.17 7.80
C ARG A 452 3.33 -11.33 9.07
N TYR A 453 3.30 -10.28 9.90
CA TYR A 453 2.43 -10.30 11.07
C TYR A 453 0.96 -10.46 10.70
N TRP A 454 0.47 -9.62 9.80
CA TRP A 454 -0.93 -9.69 9.39
C TRP A 454 -1.21 -10.99 8.67
N GLN A 455 -0.17 -11.55 8.05
CA GLN A 455 -0.33 -12.77 7.27
C GLN A 455 -0.46 -13.97 8.19
N VAL A 456 0.38 -14.02 9.21
CA VAL A 456 0.33 -15.12 10.18
C VAL A 456 -1.00 -15.10 10.90
N CYS A 457 -1.50 -13.89 11.18
CA CYS A 457 -2.74 -13.73 11.93
C CYS A 457 -3.95 -14.21 11.13
N TRP A 458 -3.96 -13.93 9.83
CA TRP A 458 -5.10 -14.32 9.00
C TRP A 458 -5.10 -15.81 8.74
N ARG A 459 -3.90 -16.37 8.62
CA ARG A 459 -3.74 -17.75 8.21
C ARG A 459 -3.92 -18.72 9.38
N PHE A 460 -3.37 -18.35 10.53
CA PHE A 460 -3.34 -19.26 11.67
C PHE A 460 -4.15 -18.73 12.86
N VAL A 461 -3.79 -17.55 13.34
CA VAL A 461 -4.38 -17.01 14.56
C VAL A 461 -5.88 -16.81 14.43
N ALA A 462 -6.30 -16.18 13.35
CA ALA A 462 -7.71 -15.81 13.22
C ALA A 462 -8.64 -16.99 13.33
N PRO A 463 -8.43 -18.03 12.50
CA PRO A 463 -9.33 -19.17 12.51
C PRO A 463 -9.45 -19.87 13.87
N ILE A 464 -8.35 -19.95 14.64
CA ILE A 464 -8.45 -20.60 15.93
C ILE A 464 -8.91 -19.58 16.97
N PHE A 465 -8.85 -18.30 16.62
CA PHE A 465 -9.43 -17.26 17.44
C PHE A 465 -10.94 -17.42 17.41
N LEU A 466 -11.47 -17.51 16.19
CA LEU A 466 -12.90 -17.68 16.00
C LEU A 466 -13.30 -19.04 16.55
N LEU A 467 -12.41 -20.01 16.41
CA LEU A 467 -12.68 -21.35 16.91
C LEU A 467 -12.75 -21.35 18.43
N PHE A 468 -11.85 -20.57 19.03
CA PHE A 468 -11.72 -20.47 20.48
C PHE A 468 -12.99 -19.91 21.11
N ILE A 469 -13.59 -18.92 20.43
CA ILE A 469 -14.82 -18.31 20.87
C ILE A 469 -16.00 -19.26 20.70
N THR A 470 -16.08 -19.88 19.54
CA THR A 470 -17.22 -20.73 19.21
C THR A 470 -17.30 -21.95 20.10
N VAL A 471 -16.16 -22.50 20.50
CA VAL A 471 -16.16 -23.71 21.30
C VAL A 471 -16.57 -23.43 22.74
N TYR A 472 -16.03 -22.38 23.32
CA TYR A 472 -16.43 -22.00 24.68
C TYR A 472 -17.85 -21.45 24.72
N GLY A 473 -18.33 -20.95 23.59
CA GLY A 473 -19.72 -20.53 23.52
C GLY A 473 -20.67 -21.70 23.36
N LEU A 474 -20.12 -22.87 23.04
CA LEU A 474 -20.92 -24.08 22.96
C LEU A 474 -20.93 -24.78 24.31
N ILE A 475 -19.73 -24.95 24.87
CA ILE A 475 -19.57 -25.66 26.14
C ILE A 475 -20.28 -24.92 27.27
N GLY A 476 -20.45 -23.62 27.11
CA GLY A 476 -21.18 -22.82 28.07
C GLY A 476 -22.68 -22.73 27.79
N TYR A 477 -23.15 -23.42 26.76
CA TYR A 477 -24.56 -23.30 26.37
C TYR A 477 -25.55 -23.77 27.43
N GLU A 478 -26.66 -23.03 27.55
CA GLU A 478 -27.78 -23.42 28.41
C GLU A 478 -29.07 -23.01 27.69
N PRO A 479 -30.17 -23.70 27.97
CA PRO A 479 -31.42 -23.31 27.29
C PRO A 479 -31.82 -21.89 27.65
N LEU A 480 -32.45 -21.21 26.70
CA LEU A 480 -32.74 -19.79 26.83
C LEU A 480 -33.69 -19.53 27.98
N THR A 481 -33.39 -18.47 28.72
CA THR A 481 -34.22 -18.03 29.84
C THR A 481 -34.09 -16.53 29.98
N TYR A 482 -35.08 -15.89 30.59
CA TYR A 482 -34.93 -14.50 30.99
C TYR A 482 -35.62 -14.29 32.32
N ALA A 483 -34.90 -13.66 33.26
CA ALA A 483 -35.31 -13.60 34.66
C ALA A 483 -35.83 -14.97 35.10
N ASP A 484 -37.04 -15.02 35.64
CA ASP A 484 -37.57 -16.28 36.16
C ASP A 484 -38.23 -17.15 35.10
N TYR A 485 -38.49 -16.58 33.92
CA TYR A 485 -39.08 -17.32 32.80
C TYR A 485 -38.09 -18.29 32.14
N VAL A 486 -38.56 -19.48 31.78
CA VAL A 486 -37.76 -20.37 30.93
C VAL A 486 -38.50 -20.61 29.64
N TYR A 487 -37.79 -20.41 28.53
CA TYR A 487 -38.39 -20.58 27.23
C TYR A 487 -38.73 -22.04 26.98
N PRO A 488 -39.88 -22.28 26.32
CA PRO A 488 -40.36 -23.59 25.87
C PRO A 488 -39.41 -24.21 24.85
N SER A 489 -39.33 -25.53 24.83
CA SER A 489 -38.37 -26.21 23.97
C SER A 489 -38.57 -25.86 22.49
N TRP A 490 -39.80 -25.63 22.08
CA TRP A 490 -40.05 -25.25 20.69
C TRP A 490 -39.47 -23.89 20.34
N ALA A 491 -39.49 -22.98 21.31
CA ALA A 491 -38.94 -21.65 21.12
C ALA A 491 -37.45 -21.76 20.92
N ASN A 492 -36.83 -22.65 21.71
CA ASN A 492 -35.42 -22.90 21.59
C ASN A 492 -35.04 -23.42 20.20
N ALA A 493 -35.76 -24.43 19.74
CA ALA A 493 -35.48 -25.02 18.44
C ALA A 493 -35.74 -24.02 17.32
N LEU A 494 -36.73 -23.16 17.50
CA LEU A 494 -37.04 -22.15 16.50
C LEU A 494 -35.90 -21.16 16.32
N GLY A 495 -35.18 -20.90 17.40
CA GLY A 495 -34.04 -19.99 17.31
C GLY A 495 -32.85 -20.70 16.70
N TRP A 496 -32.80 -22.02 16.90
CA TRP A 496 -31.79 -22.82 16.24
C TRP A 496 -32.03 -22.80 14.74
N CYS A 497 -33.28 -22.62 14.34
CA CYS A 497 -33.58 -22.54 12.93
C CYS A 497 -33.03 -21.25 12.37
N ILE A 498 -33.30 -20.15 13.06
CA ILE A 498 -32.82 -18.85 12.63
C ILE A 498 -31.30 -18.86 12.58
N ALA A 499 -30.70 -19.61 13.52
CA ALA A 499 -29.26 -19.65 13.63
C ALA A 499 -28.64 -20.40 12.47
N GLY A 500 -29.19 -21.58 12.20
CA GLY A 500 -28.70 -22.43 11.12
C GLY A 500 -29.26 -22.07 9.75
N SER A 501 -30.29 -21.24 9.72
CA SER A 501 -30.94 -20.92 8.46
C SER A 501 -29.93 -20.21 7.55
N SER A 502 -29.00 -19.49 8.17
CA SER A 502 -28.01 -18.70 7.46
C SER A 502 -26.73 -19.51 7.23
N VAL A 503 -26.29 -20.17 8.28
CA VAL A 503 -25.08 -20.98 8.22
C VAL A 503 -25.21 -22.06 7.15
N VAL A 504 -26.44 -22.53 6.96
CA VAL A 504 -26.71 -23.64 6.07
C VAL A 504 -26.53 -23.24 4.60
N MET A 505 -26.62 -21.95 4.32
CA MET A 505 -26.40 -21.46 2.97
C MET A 505 -24.98 -21.78 2.47
N ILE A 506 -24.02 -21.79 3.39
CA ILE A 506 -22.64 -22.05 3.01
C ILE A 506 -22.45 -23.43 2.39
N PRO A 507 -22.95 -24.50 3.04
CA PRO A 507 -22.77 -25.81 2.42
C PRO A 507 -23.84 -26.05 1.37
N ALA A 508 -25.02 -25.47 1.56
CA ALA A 508 -26.11 -25.59 0.62
C ALA A 508 -25.64 -25.10 -0.73
N VAL A 509 -25.31 -23.81 -0.78
CA VAL A 509 -24.92 -23.19 -2.03
C VAL A 509 -23.65 -23.85 -2.61
N ALA A 510 -22.78 -24.36 -1.76
CA ALA A 510 -21.60 -25.05 -2.27
C ALA A 510 -22.03 -26.32 -2.98
N ILE A 511 -23.03 -27.00 -2.42
CA ILE A 511 -23.52 -28.25 -2.99
C ILE A 511 -24.21 -28.00 -4.31
N PHE A 512 -25.04 -26.97 -4.34
CA PHE A 512 -25.78 -26.59 -5.54
C PHE A 512 -24.88 -26.09 -6.68
N LYS A 513 -23.80 -25.40 -6.34
CA LYS A 513 -22.88 -24.90 -7.36
C LYS A 513 -22.09 -26.03 -8.00
N LEU A 514 -21.81 -27.07 -7.22
CA LEU A 514 -21.08 -28.23 -7.74
C LEU A 514 -21.89 -28.95 -8.81
N LEU A 515 -23.21 -28.84 -8.71
CA LEU A 515 -24.10 -29.63 -9.55
C LEU A 515 -24.61 -28.83 -10.75
N SER A 516 -23.92 -27.73 -11.07
CA SER A 516 -24.20 -27.02 -12.31
C SER A 516 -22.93 -26.99 -13.16
N THR A 517 -21.86 -27.58 -12.63
CA THR A 517 -20.54 -27.54 -13.24
C THR A 517 -20.16 -28.85 -13.92
N PRO A 518 -19.68 -28.77 -15.18
CA PRO A 518 -19.49 -29.91 -16.08
C PRO A 518 -18.60 -31.05 -15.61
N GLY A 519 -17.46 -30.74 -14.99
CA GLY A 519 -16.36 -31.70 -15.00
C GLY A 519 -16.34 -32.78 -13.94
N SER A 520 -15.22 -33.48 -13.90
CA SER A 520 -14.90 -34.40 -12.82
C SER A 520 -14.62 -33.62 -11.54
N LEU A 521 -14.72 -34.28 -10.39
CA LEU A 521 -14.65 -33.54 -9.13
C LEU A 521 -13.25 -33.01 -8.76
N ARG A 522 -12.17 -33.55 -9.33
CA ARG A 522 -10.89 -32.87 -9.18
C ARG A 522 -10.93 -31.63 -10.06
N GLN A 523 -11.52 -31.79 -11.25
CA GLN A 523 -11.71 -30.73 -12.22
C GLN A 523 -12.69 -29.67 -11.74
N ARG A 524 -13.59 -30.04 -10.83
CA ARG A 524 -14.65 -29.12 -10.44
C ARG A 524 -14.37 -28.31 -9.17
N PHE A 525 -13.52 -28.82 -8.27
CA PHE A 525 -13.10 -27.98 -7.15
C PHE A 525 -12.26 -26.84 -7.69
N THR A 526 -11.53 -27.10 -8.77
CA THR A 526 -10.67 -26.08 -9.35
C THR A 526 -11.46 -24.99 -10.07
N ILE A 527 -12.52 -25.34 -10.81
CA ILE A 527 -13.28 -24.31 -11.49
C ILE A 527 -14.00 -23.41 -10.49
N LEU A 528 -14.28 -23.96 -9.32
CA LEU A 528 -15.02 -23.23 -8.29
C LEU A 528 -14.09 -22.61 -7.23
N THR A 529 -12.81 -22.95 -7.28
CA THR A 529 -11.81 -22.26 -6.45
C THR A 529 -10.88 -21.37 -7.28
N THR A 530 -11.22 -21.12 -8.54
CA THR A 530 -10.48 -20.11 -9.32
C THR A 530 -11.24 -18.78 -9.32
N PRO A 531 -10.59 -17.74 -8.83
CA PRO A 531 -11.12 -16.39 -8.66
C PRO A 531 -11.54 -15.74 -9.97
N TRP A 532 -12.59 -14.95 -9.90
CA TRP A 532 -13.14 -14.24 -11.04
C TRP A 532 -12.13 -13.28 -11.67
N ARG A 533 -11.21 -12.79 -10.84
CA ARG A 533 -10.13 -11.91 -11.28
C ARG A 533 -9.23 -12.59 -12.31
N ASP A 534 -9.06 -13.91 -12.16
CA ASP A 534 -8.15 -14.67 -13.01
C ASP A 534 -8.79 -15.19 -14.30
N GLN A 535 -10.09 -15.50 -14.26
CA GLN A 535 -10.79 -16.03 -15.44
C GLN A 535 -10.90 -15.01 -16.57
N GLN A 536 -10.98 -13.73 -16.21
CA GLN A 536 -11.17 -12.65 -17.17
C GLN A 536 -9.88 -12.07 -17.78
N LEU A 537 -8.73 -12.50 -17.25
CA LEU A 537 -7.41 -11.91 -17.55
C LEU A 537 -7.46 -10.37 -17.51
N GLU B 1 1.25 11.89 -17.82
CA GLU B 1 2.57 11.41 -17.43
C GLU B 1 3.31 12.50 -16.67
N ASN B 2 3.76 12.16 -15.46
CA ASN B 2 4.31 13.13 -14.54
C ASN B 2 5.79 13.39 -14.82
N VAL B 3 6.07 14.39 -15.65
CA VAL B 3 7.44 14.75 -15.95
C VAL B 3 8.16 15.28 -14.71
N LEU B 4 9.39 14.81 -14.50
CA LEU B 4 10.25 15.27 -13.42
C LEU B 4 11.47 15.94 -14.02
N THR B 5 11.60 17.24 -13.78
CA THR B 5 12.71 18.01 -14.31
C THR B 5 13.70 18.30 -13.20
N GLN B 6 14.98 18.04 -13.45
CA GLN B 6 16.00 18.24 -12.44
C GLN B 6 16.98 19.31 -12.87
N SER B 7 17.37 20.15 -11.93
CA SER B 7 18.43 21.13 -12.15
C SER B 7 19.32 21.17 -10.93
N PRO B 8 20.58 21.56 -11.13
CA PRO B 8 21.15 21.83 -12.46
C PRO B 8 21.27 20.54 -13.26
N ALA B 9 21.64 20.64 -14.54
CA ALA B 9 21.87 19.48 -15.37
C ALA B 9 23.25 18.87 -15.15
N ILE B 10 24.23 19.77 -15.00
CA ILE B 10 25.60 19.40 -14.66
C ILE B 10 26.09 20.36 -13.57
N MET B 11 26.98 19.87 -12.73
CA MET B 11 27.26 20.56 -11.49
C MET B 11 28.66 20.20 -11.06
N SER B 12 29.49 21.22 -10.84
CA SER B 12 30.88 20.98 -10.47
C SER B 12 31.05 21.47 -9.05
N THR B 13 31.82 20.75 -8.25
CA THR B 13 31.95 21.12 -6.86
C THR B 13 33.28 20.68 -6.28
N SER B 14 33.86 21.53 -5.45
CA SER B 14 35.09 21.21 -4.74
C SER B 14 34.77 20.28 -3.59
N PRO B 15 35.65 19.29 -3.33
CA PRO B 15 35.35 18.42 -2.19
C PRO B 15 35.26 19.23 -0.90
N GLY B 16 34.32 18.88 -0.04
CA GLY B 16 34.04 19.64 1.17
C GLY B 16 32.92 20.65 1.03
N GLU B 17 32.64 21.10 -0.19
CA GLU B 17 31.55 22.07 -0.40
C GLU B 17 30.17 21.45 -0.20
N LYS B 18 29.20 22.27 0.19
CA LYS B 18 27.80 21.82 0.17
C LYS B 18 27.28 21.76 -1.27
N VAL B 19 26.44 20.77 -1.60
CA VAL B 19 25.78 20.75 -2.90
C VAL B 19 24.30 20.47 -2.73
N THR B 20 23.48 21.19 -3.49
CA THR B 20 22.05 20.94 -3.53
C THR B 20 21.64 20.75 -4.97
N MET B 21 20.61 19.95 -5.15
CA MET B 21 20.06 19.70 -6.46
C MET B 21 18.56 19.46 -6.31
N THR B 22 17.78 19.90 -7.28
CA THR B 22 16.34 19.92 -7.12
C THR B 22 15.60 19.06 -8.15
N CYS B 23 14.36 18.71 -7.81
CA CYS B 23 13.49 17.90 -8.64
C CYS B 23 12.12 18.55 -8.72
N ARG B 24 11.65 18.90 -9.91
CA ARG B 24 10.33 19.50 -10.03
C ARG B 24 9.39 18.66 -10.87
N ALA B 25 8.28 18.25 -10.26
CA ALA B 25 7.28 17.45 -10.95
C ALA B 25 6.21 18.33 -11.57
N SER B 26 5.65 17.88 -12.69
CA SER B 26 4.58 18.59 -13.36
C SER B 26 3.25 18.32 -12.65
N SER B 27 3.27 17.40 -11.70
CA SER B 27 2.08 17.08 -10.92
C SER B 27 2.52 16.77 -9.50
N SER B 28 1.60 16.90 -8.56
CA SER B 28 1.98 16.62 -7.19
C SER B 28 2.39 15.16 -7.02
N VAL B 29 3.40 14.92 -6.19
CA VAL B 29 3.82 13.57 -5.84
C VAL B 29 3.81 13.43 -4.32
N GLY B 30 3.17 12.37 -3.82
CA GLY B 30 3.19 12.11 -2.40
C GLY B 30 4.63 11.90 -1.94
N SER B 31 4.98 12.44 -0.80
CA SER B 31 6.40 12.43 -0.40
C SER B 31 6.87 11.02 -0.06
N SER B 32 5.94 10.12 0.22
CA SER B 32 6.37 8.76 0.50
C SER B 32 6.68 8.04 -0.82
N TYR B 33 6.38 8.70 -1.94
CA TYR B 33 6.59 8.13 -3.26
C TYR B 33 7.77 8.73 -4.04
N LEU B 34 8.52 9.64 -3.43
CA LEU B 34 9.64 10.23 -4.15
C LEU B 34 10.97 9.60 -3.74
N HIS B 35 11.78 9.23 -4.73
CA HIS B 35 13.03 8.53 -4.44
C HIS B 35 14.16 9.09 -5.26
N TRP B 36 15.39 8.77 -4.87
CA TRP B 36 16.56 9.22 -5.61
C TRP B 36 17.48 8.05 -5.88
N TYR B 37 18.13 8.05 -7.04
CA TYR B 37 19.14 7.05 -7.30
C TYR B 37 20.45 7.71 -7.73
N GLN B 38 21.56 7.14 -7.28
CA GLN B 38 22.86 7.58 -7.77
C GLN B 38 23.35 6.55 -8.77
N GLN B 39 23.97 6.99 -9.85
CA GLN B 39 24.51 6.06 -10.84
C GLN B 39 25.89 6.51 -11.22
N LYS B 40 26.91 5.83 -10.70
CA LYS B 40 28.29 6.17 -11.02
C LYS B 40 28.58 5.74 -12.46
N SER B 41 29.54 6.41 -13.09
CA SER B 41 29.81 6.19 -14.51
C SER B 41 30.15 4.73 -14.81
N GLY B 42 29.46 4.14 -15.78
CA GLY B 42 29.68 2.76 -16.17
C GLY B 42 29.03 1.70 -15.29
N ALA B 43 28.18 2.12 -14.36
CA ALA B 43 27.53 1.19 -13.43
C ALA B 43 26.02 1.31 -13.47
N SER B 44 25.34 0.35 -12.86
CA SER B 44 23.88 0.41 -12.70
C SER B 44 23.51 1.42 -11.63
N PRO B 45 22.29 1.96 -11.71
CA PRO B 45 21.76 2.85 -10.69
C PRO B 45 21.67 2.14 -9.35
N LYS B 46 21.86 2.86 -8.24
CA LYS B 46 21.58 2.32 -6.91
C LYS B 46 20.50 3.12 -6.19
N LEU B 47 19.57 2.44 -5.51
CA LEU B 47 18.59 3.16 -4.71
C LEU B 47 19.37 3.91 -3.66
N TRP B 48 18.88 5.08 -3.29
CA TRP B 48 19.73 6.04 -2.59
C TRP B 48 19.00 6.80 -1.49
N ILE B 49 17.87 7.38 -1.84
CA ILE B 49 17.00 8.02 -0.87
C ILE B 49 15.58 7.63 -1.24
N TYR B 50 14.81 7.14 -0.28
CA TYR B 50 13.48 6.70 -0.61
C TYR B 50 12.45 7.45 0.22
N SER B 51 11.30 7.70 -0.39
CA SER B 51 10.27 8.58 0.16
C SER B 51 10.89 9.83 0.78
N THR B 52 11.51 10.63 -0.08
CA THR B 52 11.97 11.97 0.26
C THR B 52 13.20 12.06 1.16
N SER B 53 13.07 11.59 2.41
CA SER B 53 14.09 11.81 3.42
C SER B 53 14.97 10.62 3.81
N ASN B 54 14.57 9.43 3.41
CA ASN B 54 15.14 8.20 3.99
C ASN B 54 16.34 7.64 3.26
N LEU B 55 17.50 7.75 3.89
CA LEU B 55 18.73 7.21 3.31
C LEU B 55 18.61 5.70 3.13
N ALA B 56 19.07 5.21 1.99
CA ALA B 56 19.08 3.76 1.71
C ALA B 56 20.19 3.09 2.49
N SER B 57 20.20 1.76 2.49
CA SER B 57 21.24 1.06 3.20
C SER B 57 22.61 1.37 2.61
N GLY B 58 23.57 1.68 3.49
CA GLY B 58 24.93 1.92 3.05
C GLY B 58 25.20 3.34 2.59
N VAL B 59 24.18 4.20 2.61
CA VAL B 59 24.33 5.57 2.15
C VAL B 59 24.85 6.46 3.29
N PRO B 60 26.01 7.10 3.10
CA PRO B 60 26.61 7.88 4.17
C PRO B 60 25.75 9.06 4.58
N ALA B 61 25.87 9.45 5.84
CA ALA B 61 25.01 10.47 6.43
C ALA B 61 25.13 11.84 5.76
N ARG B 62 26.13 12.04 4.90
CA ARG B 62 26.28 13.33 4.19
C ARG B 62 24.99 13.67 3.46
N PHE B 63 24.33 12.62 2.97
CA PHE B 63 23.17 12.79 2.13
C PHE B 63 21.93 13.06 2.96
N SER B 64 21.01 13.81 2.37
CA SER B 64 19.75 14.15 2.98
C SER B 64 18.82 14.58 1.85
N GLY B 65 17.52 14.43 2.07
CA GLY B 65 16.56 14.75 1.04
C GLY B 65 15.38 15.44 1.66
N SER B 66 14.76 16.32 0.88
CA SER B 66 13.70 17.16 1.40
C SER B 66 12.73 17.54 0.28
N GLY B 67 11.50 17.89 0.66
CA GLY B 67 10.53 18.35 -0.32
C GLY B 67 9.10 17.86 -0.13
N SER B 68 8.24 18.28 -1.05
CA SER B 68 6.84 17.88 -1.01
C SER B 68 6.11 18.36 -2.27
N GLY B 69 4.94 17.80 -2.54
CA GLY B 69 4.13 18.25 -3.65
C GLY B 69 4.87 18.12 -4.95
N THR B 70 5.27 19.24 -5.53
CA THR B 70 5.92 19.23 -6.83
C THR B 70 7.37 19.68 -6.76
N SER B 71 7.91 19.79 -5.56
CA SER B 71 9.28 20.25 -5.42
C SER B 71 10.06 19.48 -4.37
N TYR B 72 11.18 18.90 -4.77
CA TYR B 72 12.02 18.09 -3.88
C TYR B 72 13.48 18.41 -4.14
N SER B 73 14.36 17.99 -3.22
CA SER B 73 15.78 18.28 -3.39
C SER B 73 16.71 17.27 -2.69
N LEU B 74 17.87 17.04 -3.29
CA LEU B 74 18.91 16.24 -2.66
C LEU B 74 19.98 17.19 -2.19
N THR B 75 20.53 16.93 -1.01
CA THR B 75 21.61 17.75 -0.50
C THR B 75 22.73 16.87 -0.01
N ILE B 76 23.95 17.23 -0.39
CA ILE B 76 25.14 16.64 0.19
C ILE B 76 25.80 17.71 1.05
N SER B 77 25.83 17.49 2.35
CA SER B 77 26.37 18.48 3.30
C SER B 77 27.87 18.75 3.15
N SER B 78 28.66 17.71 2.86
CA SER B 78 30.08 17.90 2.53
C SER B 78 30.57 16.90 1.49
N VAL B 79 30.70 17.36 0.25
CA VAL B 79 30.92 16.47 -0.89
C VAL B 79 32.24 15.72 -0.81
N GLU B 80 32.23 14.49 -1.33
CA GLU B 80 33.46 13.72 -1.46
C GLU B 80 33.61 13.22 -2.89
N ALA B 81 34.85 13.01 -3.31
CA ALA B 81 35.12 12.67 -4.70
C ALA B 81 34.43 11.37 -5.08
N GLU B 82 34.20 10.50 -4.09
CA GLU B 82 33.48 9.26 -4.36
C GLU B 82 32.00 9.54 -4.66
N ASP B 83 31.55 10.75 -4.34
CA ASP B 83 30.15 11.16 -4.57
C ASP B 83 29.84 11.60 -5.99
N ALA B 84 30.87 11.79 -6.81
CA ALA B 84 30.64 12.18 -8.21
C ALA B 84 29.89 11.10 -8.95
N ALA B 85 28.72 11.46 -9.47
CA ALA B 85 27.86 10.52 -10.21
C ALA B 85 26.68 11.27 -10.82
N THR B 86 25.78 10.57 -11.50
CA THR B 86 24.55 11.20 -11.89
C THR B 86 23.45 10.80 -10.93
N TYR B 87 22.70 11.79 -10.43
CA TYR B 87 21.60 11.50 -9.54
C TYR B 87 20.26 11.58 -10.25
N TYR B 88 19.46 10.54 -10.11
CA TYR B 88 18.11 10.55 -10.68
C TYR B 88 17.03 10.52 -9.60
N CYS B 89 16.04 11.39 -9.70
CA CYS B 89 14.87 11.29 -8.82
C CYS B 89 13.78 10.44 -9.50
N GLN B 90 12.81 9.96 -8.73
CA GLN B 90 11.74 9.15 -9.30
C GLN B 90 10.48 9.24 -8.47
N GLN B 91 9.33 9.10 -9.14
CA GLN B 91 8.05 8.92 -8.47
C GLN B 91 7.48 7.49 -8.56
N PHE B 92 6.71 7.06 -7.56
CA PHE B 92 5.73 5.97 -7.76
C PHE B 92 4.30 6.39 -7.44
N SER B 93 3.99 7.67 -7.41
CA SER B 93 2.63 8.05 -7.01
C SER B 93 1.66 7.66 -8.12
N GLY B 94 2.16 7.39 -9.32
CA GLY B 94 1.29 7.06 -10.43
C GLY B 94 1.97 6.44 -11.64
N TYR B 95 1.28 5.50 -12.26
CA TYR B 95 1.74 4.95 -13.54
C TYR B 95 1.35 5.88 -14.69
N PRO B 96 2.22 6.01 -15.71
CA PRO B 96 3.56 5.39 -15.81
C PRO B 96 4.55 5.94 -14.80
N LEU B 97 5.38 5.07 -14.23
CA LEU B 97 6.43 5.52 -13.34
C LEU B 97 7.41 6.36 -14.13
N THR B 98 7.91 7.43 -13.54
CA THR B 98 8.83 8.30 -14.29
C THR B 98 10.06 8.71 -13.50
N PHE B 99 11.18 8.79 -14.23
CA PHE B 99 12.47 9.18 -13.67
C PHE B 99 12.80 10.62 -14.03
N GLY B 100 13.55 11.27 -13.16
CA GLY B 100 14.01 12.63 -13.42
C GLY B 100 15.09 12.67 -14.48
N SER B 101 15.38 13.86 -14.98
CA SER B 101 16.24 14.03 -16.12
C SER B 101 17.73 13.98 -15.77
N GLY B 102 18.03 13.88 -14.48
CA GLY B 102 19.40 13.72 -14.03
C GLY B 102 20.08 15.01 -13.62
N THR B 103 20.88 14.93 -12.57
CA THR B 103 21.88 15.95 -12.25
C THR B 103 23.22 15.25 -12.19
N LYS B 104 24.11 15.54 -13.14
CA LYS B 104 25.44 14.94 -13.11
C LYS B 104 26.35 15.76 -12.21
N LEU B 105 26.87 15.11 -11.18
CA LEU B 105 27.73 15.78 -10.21
C LEU B 105 29.18 15.52 -10.54
N GLU B 106 29.99 16.57 -10.50
CA GLU B 106 31.37 16.50 -10.96
C GLU B 106 32.33 17.25 -10.06
N MET B 107 33.57 16.79 -10.04
CA MET B 107 34.55 17.35 -9.14
C MET B 107 35.25 18.56 -9.73
N LYS B 108 35.22 19.66 -8.99
CA LYS B 108 36.06 20.78 -9.35
C LYS B 108 37.50 20.53 -8.88
N ARG B 109 38.46 21.11 -9.61
CA ARG B 109 39.87 20.96 -9.29
C ARG B 109 40.60 22.13 -9.94
N ALA B 110 41.87 22.32 -9.62
CA ALA B 110 42.64 23.41 -10.23
C ALA B 110 42.90 23.12 -11.70
N ASP B 111 42.96 24.19 -12.50
CA ASP B 111 43.13 24.07 -13.94
C ASP B 111 44.41 23.34 -14.34
N ALA B 112 44.31 22.55 -15.41
CA ALA B 112 45.48 21.88 -15.96
C ALA B 112 45.44 21.90 -17.49
N ALA B 113 46.57 22.20 -18.11
CA ALA B 113 46.64 22.27 -19.56
C ALA B 113 46.72 20.88 -20.20
N PRO B 114 46.15 20.74 -21.41
CA PRO B 114 46.17 19.48 -22.14
C PRO B 114 47.58 19.07 -22.52
N THR B 115 47.83 17.76 -22.55
CA THR B 115 49.05 17.19 -23.14
C THR B 115 48.77 16.71 -24.56
N VAL B 116 48.82 17.62 -25.53
CA VAL B 116 48.56 17.30 -26.94
C VAL B 116 49.59 16.39 -27.62
N SER B 117 49.12 15.46 -28.44
CA SER B 117 49.99 14.57 -29.24
C SER B 117 49.38 14.33 -30.62
N ILE B 118 50.21 14.36 -31.66
CA ILE B 118 49.67 14.16 -33.01
C ILE B 118 50.24 12.93 -33.68
N PHE B 119 49.36 12.12 -34.27
CA PHE B 119 49.73 10.84 -34.89
C PHE B 119 49.35 10.76 -36.38
N PRO B 120 50.35 10.58 -37.27
CA PRO B 120 50.19 10.36 -38.70
C PRO B 120 49.53 9.02 -38.98
N PRO B 121 48.91 8.85 -40.15
CA PRO B 121 48.22 7.58 -40.43
C PRO B 121 49.20 6.41 -40.43
N SER B 122 48.74 5.26 -39.94
CA SER B 122 49.57 4.07 -39.90
C SER B 122 49.69 3.46 -41.29
N SER B 123 50.80 2.78 -41.56
CA SER B 123 51.01 2.22 -42.88
C SER B 123 49.94 1.18 -43.21
N GLU B 124 49.42 0.51 -42.19
CA GLU B 124 48.35 -0.47 -42.40
C GLU B 124 47.10 0.20 -42.95
N GLN B 125 46.88 1.46 -42.55
CA GLN B 125 45.69 2.16 -42.98
C GLN B 125 45.83 2.74 -44.39
N LEU B 126 47.01 3.28 -44.70
CA LEU B 126 47.22 3.89 -46.02
C LEU B 126 47.07 2.84 -47.11
N THR B 127 47.51 1.62 -46.83
CA THR B 127 47.41 0.52 -47.79
C THR B 127 45.95 0.12 -47.99
N SER B 128 45.12 0.43 -46.99
CA SER B 128 43.67 0.20 -47.06
C SER B 128 42.96 1.19 -47.98
N GLY B 129 43.66 2.28 -48.32
CA GLY B 129 43.07 3.38 -49.07
C GLY B 129 42.61 4.53 -48.19
N GLY B 130 42.71 4.35 -46.88
CA GLY B 130 42.32 5.37 -45.93
C GLY B 130 43.48 6.19 -45.39
N ALA B 131 43.15 7.19 -44.58
CA ALA B 131 44.16 8.00 -43.91
C ALA B 131 43.49 8.84 -42.83
N SER B 132 43.66 8.45 -41.57
CA SER B 132 43.18 9.30 -40.49
C SER B 132 44.31 9.70 -39.56
N VAL B 133 44.58 11.01 -39.54
CA VAL B 133 45.43 11.62 -38.53
C VAL B 133 44.68 11.60 -37.19
N VAL B 134 45.41 11.47 -36.09
CA VAL B 134 44.80 11.45 -34.77
C VAL B 134 45.55 12.39 -33.83
N CYS B 135 44.83 13.03 -32.92
CA CYS B 135 45.43 13.95 -32.00
C CYS B 135 44.82 13.82 -30.62
N PHE B 136 45.50 13.09 -29.74
CA PHE B 136 45.11 12.99 -28.34
C PHE B 136 45.34 14.30 -27.56
N LEU B 137 44.41 14.65 -26.69
CA LEU B 137 44.55 15.80 -25.82
C LEU B 137 44.26 15.34 -24.40
N ASN B 138 45.30 15.06 -23.63
CA ASN B 138 45.12 14.36 -22.36
C ASN B 138 45.27 15.17 -21.07
N ASN B 139 44.49 14.76 -20.07
CA ASN B 139 44.67 15.22 -18.71
C ASN B 139 44.61 16.74 -18.52
N PHE B 140 43.49 17.33 -18.91
CA PHE B 140 43.26 18.76 -18.70
C PHE B 140 42.00 19.03 -17.88
N TYR B 141 41.89 20.26 -17.39
CA TYR B 141 40.71 20.76 -16.69
C TYR B 141 40.64 22.27 -16.88
N PRO B 142 39.44 22.86 -17.03
CA PRO B 142 38.09 22.30 -17.05
C PRO B 142 37.79 21.58 -18.36
N LYS B 143 36.60 20.96 -18.44
CA LYS B 143 36.30 20.03 -19.52
C LYS B 143 36.30 20.66 -20.90
N ASP B 144 35.86 21.91 -21.00
CA ASP B 144 35.76 22.53 -22.31
C ASP B 144 37.14 22.70 -22.96
N ILE B 145 37.25 22.27 -24.21
CA ILE B 145 38.45 22.43 -25.01
C ILE B 145 38.07 22.43 -26.47
N ASN B 146 38.88 23.10 -27.31
CA ASN B 146 38.55 23.28 -28.73
C ASN B 146 39.71 22.92 -29.65
N VAL B 147 39.60 21.77 -30.31
CA VAL B 147 40.62 21.34 -31.26
C VAL B 147 40.38 22.00 -32.60
N LYS B 148 41.44 22.16 -33.38
CA LYS B 148 41.37 22.82 -34.68
C LYS B 148 42.44 22.24 -35.64
N TRP B 149 42.01 21.54 -36.68
CA TRP B 149 42.97 20.94 -37.62
C TRP B 149 43.39 21.90 -38.74
N LYS B 150 44.63 21.76 -39.20
CA LYS B 150 45.15 22.52 -40.34
C LYS B 150 46.00 21.64 -41.28
N ILE B 151 45.61 21.59 -42.55
CA ILE B 151 46.51 21.12 -43.59
C ILE B 151 47.14 22.36 -44.25
N GLU B 152 48.45 22.33 -44.45
CA GLU B 152 49.22 23.54 -44.75
C GLU B 152 49.03 24.41 -43.53
N GLY B 153 48.68 25.67 -43.79
CA GLY B 153 48.15 26.55 -42.78
C GLY B 153 46.65 26.68 -42.84
N SER B 154 46.04 26.17 -43.91
CA SER B 154 44.58 26.19 -44.02
C SER B 154 43.92 25.29 -42.98
N GLU B 155 42.88 25.80 -42.31
CA GLU B 155 42.14 24.94 -41.39
C GLU B 155 41.18 24.04 -42.17
N ARG B 156 40.95 22.84 -41.64
CA ARG B 156 39.93 21.96 -42.22
C ARG B 156 38.87 21.66 -41.17
N GLN B 157 37.61 21.95 -41.48
CA GLN B 157 36.54 21.79 -40.50
C GLN B 157 35.74 20.50 -40.67
N ASN B 158 35.61 20.06 -41.91
CA ASN B 158 34.85 18.86 -42.26
C ASN B 158 35.56 17.55 -41.90
N GLY B 159 34.79 16.47 -41.71
CA GLY B 159 35.36 15.14 -41.58
C GLY B 159 36.10 14.78 -40.30
N VAL B 160 35.61 15.28 -39.18
CA VAL B 160 36.26 15.05 -37.89
C VAL B 160 35.40 14.27 -36.90
N LEU B 161 36.08 13.56 -35.99
CA LEU B 161 35.40 12.86 -34.91
C LEU B 161 36.08 13.19 -33.58
N ASN B 162 35.28 13.61 -32.60
CA ASN B 162 35.83 13.99 -31.31
C ASN B 162 35.24 13.13 -30.23
N SER B 163 36.09 12.62 -29.35
CA SER B 163 35.62 11.83 -28.22
C SER B 163 36.13 12.44 -26.93
N TRP B 164 35.30 12.44 -25.89
CA TRP B 164 35.69 12.94 -24.58
C TRP B 164 35.58 11.81 -23.57
N THR B 165 36.59 11.67 -22.70
CA THR B 165 36.51 10.72 -21.60
C THR B 165 35.66 11.29 -20.49
N ASP B 166 35.11 10.41 -19.66
CA ASP B 166 34.48 10.84 -18.42
C ASP B 166 35.58 11.32 -17.48
N GLN B 167 35.20 12.16 -16.52
CA GLN B 167 36.16 12.71 -15.58
C GLN B 167 36.86 11.60 -14.79
N ASP B 168 38.17 11.72 -14.69
CA ASP B 168 39.00 10.73 -14.03
C ASP B 168 38.65 10.65 -12.54
N SER B 169 38.48 9.43 -12.02
CA SER B 169 38.22 9.24 -10.60
C SER B 169 39.49 9.51 -9.78
N LYS B 170 40.65 9.45 -10.44
CA LYS B 170 41.94 9.66 -9.77
C LYS B 170 42.28 11.15 -9.69
N ASP B 171 42.76 11.74 -10.80
CA ASP B 171 43.14 13.16 -10.81
C ASP B 171 42.00 14.12 -11.20
N SER B 172 40.83 13.57 -11.51
CA SER B 172 39.66 14.39 -11.85
C SER B 172 39.85 15.27 -13.10
N THR B 173 40.72 14.85 -14.01
CA THR B 173 40.90 15.60 -15.27
C THR B 173 40.12 14.99 -16.43
N TYR B 174 40.06 15.74 -17.53
CA TYR B 174 39.38 15.29 -18.75
C TYR B 174 40.37 15.01 -19.88
N SER B 175 39.99 14.14 -20.81
CA SER B 175 40.82 13.90 -21.98
C SER B 175 39.96 13.77 -23.23
N MET B 176 40.56 14.08 -24.38
CA MET B 176 39.82 14.06 -25.63
C MET B 176 40.64 13.53 -26.80
N SER B 177 39.95 12.89 -27.74
CA SER B 177 40.57 12.37 -28.94
C SER B 177 39.90 12.96 -30.18
N SER B 178 40.67 13.53 -31.09
CA SER B 178 40.12 14.05 -32.33
C SER B 178 40.72 13.33 -33.53
N THR B 179 39.87 12.78 -34.38
CA THR B 179 40.36 12.04 -35.53
C THR B 179 39.90 12.66 -36.83
N LEU B 180 40.87 13.12 -37.63
CA LEU B 180 40.63 13.67 -38.96
C LEU B 180 40.89 12.60 -40.01
N THR B 181 39.85 12.20 -40.74
CA THR B 181 40.03 11.14 -41.73
C THR B 181 39.95 11.68 -43.15
N LEU B 182 40.86 11.21 -44.00
CA LEU B 182 40.95 11.62 -45.40
C LEU B 182 41.12 10.38 -46.27
N THR B 183 40.83 10.52 -47.55
CA THR B 183 41.22 9.50 -48.51
C THR B 183 42.74 9.51 -48.56
N LYS B 184 43.35 8.38 -48.90
CA LYS B 184 44.80 8.37 -48.97
C LYS B 184 45.27 9.37 -50.04
N ASP B 185 44.49 9.49 -51.10
CA ASP B 185 44.86 10.39 -52.18
C ASP B 185 44.87 11.83 -51.70
N GLU B 186 43.91 12.20 -50.88
CA GLU B 186 43.90 13.54 -50.32
C GLU B 186 45.04 13.75 -49.33
N TYR B 187 45.37 12.71 -48.59
CA TYR B 187 46.46 12.78 -47.62
C TYR B 187 47.82 12.96 -48.28
N GLU B 188 47.98 12.33 -49.45
CA GLU B 188 49.27 12.34 -50.15
C GLU B 188 49.40 13.50 -51.12
N ARG B 189 48.31 14.26 -51.29
CA ARG B 189 48.31 15.41 -52.19
C ARG B 189 48.84 16.61 -51.43
N HIS B 190 49.32 16.36 -50.21
CA HIS B 190 49.74 17.48 -49.38
C HIS B 190 50.62 17.08 -48.16
N ASN B 191 51.39 18.03 -47.62
CA ASN B 191 52.52 17.74 -46.72
C ASN B 191 52.40 18.08 -45.23
N SER B 192 51.98 19.29 -44.88
CA SER B 192 51.92 19.68 -43.48
C SER B 192 50.56 19.40 -42.81
N TYR B 193 50.58 18.70 -41.68
CA TYR B 193 49.36 18.45 -40.92
C TYR B 193 49.54 18.93 -39.50
N THR B 194 48.59 19.75 -39.06
CA THR B 194 48.67 20.33 -37.73
C THR B 194 47.38 20.15 -36.96
N CYS B 195 47.50 20.02 -35.65
CA CYS B 195 46.32 19.93 -34.80
C CYS B 195 46.59 20.81 -33.57
N GLU B 196 45.71 21.78 -33.32
CA GLU B 196 46.00 22.74 -32.25
C GLU B 196 44.80 22.92 -31.31
N ALA B 197 45.08 22.95 -30.02
CA ALA B 197 44.04 22.97 -29.01
C ALA B 197 43.99 24.28 -28.25
N THR B 198 43.03 25.14 -28.60
CA THR B 198 42.69 26.25 -27.71
C THR B 198 42.04 25.73 -26.43
N HIS B 199 42.47 26.26 -25.29
CA HIS B 199 41.94 25.82 -24.00
C HIS B 199 42.12 26.97 -23.02
N LYS B 200 41.33 26.97 -21.95
CA LYS B 200 41.30 28.10 -21.03
C LYS B 200 42.67 28.38 -20.38
N THR B 201 43.48 27.34 -20.22
CA THR B 201 44.76 27.47 -19.53
C THR B 201 45.73 28.44 -20.22
N SER B 202 45.58 28.63 -21.53
CA SER B 202 46.49 29.51 -22.25
C SER B 202 45.85 30.27 -23.41
N THR B 203 46.21 31.55 -23.51
CA THR B 203 45.78 32.41 -24.60
C THR B 203 46.36 31.94 -25.94
N SER B 204 47.58 31.43 -25.89
CA SER B 204 48.21 30.78 -27.03
C SER B 204 47.66 29.36 -27.19
N PRO B 205 47.21 29.02 -28.41
CA PRO B 205 46.84 27.62 -28.66
C PRO B 205 48.06 26.71 -28.50
N ILE B 206 47.84 25.51 -27.95
CA ILE B 206 48.89 24.50 -27.88
C ILE B 206 48.93 23.71 -29.19
N VAL B 207 50.11 23.68 -29.82
CA VAL B 207 50.18 23.15 -31.18
C VAL B 207 51.17 22.00 -31.34
N LYS B 208 50.67 20.92 -31.94
CA LYS B 208 51.51 19.80 -32.36
C LYS B 208 51.31 19.63 -33.86
N SER B 209 52.35 19.18 -34.54
CA SER B 209 52.34 19.13 -36.00
C SER B 209 53.42 18.21 -36.55
N PHE B 210 53.27 17.84 -37.81
CA PHE B 210 54.26 17.03 -38.48
C PHE B 210 54.20 17.20 -39.99
N ASN B 211 55.37 17.28 -40.60
CA ASN B 211 55.47 17.21 -42.05
C ASN B 211 55.65 15.75 -42.46
N ARG B 212 55.38 15.44 -43.72
CA ARG B 212 55.71 14.12 -44.25
C ARG B 212 57.19 14.06 -44.70
N ASN B 213 58.07 13.73 -43.75
CA ASN B 213 59.52 13.60 -43.91
C ASN B 213 60.05 13.72 -45.33
N GLU C 1 24.78 -11.69 -2.29
CA GLU C 1 23.48 -11.65 -1.63
C GLU C 1 22.33 -11.71 -2.65
N VAL C 2 21.51 -10.67 -2.73
CA VAL C 2 20.59 -10.53 -3.86
C VAL C 2 21.40 -10.28 -5.11
N GLN C 3 21.03 -10.96 -6.21
CA GLN C 3 21.67 -10.72 -7.49
C GLN C 3 20.64 -10.84 -8.60
N LEU C 4 20.75 -9.93 -9.57
CA LEU C 4 19.87 -9.94 -10.74
C LEU C 4 20.75 -9.94 -11.98
N VAL C 5 20.41 -10.76 -12.96
CA VAL C 5 21.24 -10.87 -14.14
C VAL C 5 20.40 -10.84 -15.40
N GLU C 6 20.44 -9.70 -16.09
CA GLU C 6 19.77 -9.58 -17.37
C GLU C 6 20.59 -10.24 -18.46
N SER C 7 19.89 -10.75 -19.48
CA SER C 7 20.54 -11.39 -20.62
C SER C 7 19.66 -11.33 -21.86
N GLY C 8 20.27 -11.57 -23.01
CA GLY C 8 19.53 -11.71 -24.25
C GLY C 8 19.58 -10.54 -25.23
N GLY C 9 20.18 -9.43 -24.80
CA GLY C 9 20.24 -8.27 -25.65
C GLY C 9 21.16 -8.52 -26.82
N GLY C 10 20.98 -7.77 -27.90
CA GLY C 10 21.86 -7.84 -29.05
C GLY C 10 21.28 -7.04 -30.19
N LEU C 11 21.95 -7.06 -31.34
CA LEU C 11 21.46 -6.32 -32.50
C LEU C 11 20.18 -6.97 -33.07
N VAL C 12 19.25 -6.12 -33.48
CA VAL C 12 18.00 -6.59 -34.08
C VAL C 12 17.58 -5.58 -35.14
N LYS C 13 17.07 -6.07 -36.27
CA LYS C 13 16.58 -5.18 -37.32
C LYS C 13 15.22 -4.62 -36.92
N PRO C 14 14.87 -3.43 -37.41
CA PRO C 14 13.60 -2.82 -37.01
C PRO C 14 12.43 -3.70 -37.40
N GLY C 15 11.43 -3.72 -36.54
CA GLY C 15 10.24 -4.53 -36.74
C GLY C 15 10.45 -5.93 -36.21
N GLY C 16 11.69 -6.23 -35.83
CA GLY C 16 12.03 -7.57 -35.40
C GLY C 16 11.61 -7.76 -33.95
N SER C 17 11.95 -8.88 -33.35
CA SER C 17 11.56 -9.13 -31.96
C SER C 17 12.57 -9.97 -31.21
N LEU C 18 12.59 -9.81 -29.89
CA LEU C 18 13.63 -10.42 -29.08
C LEU C 18 13.13 -10.56 -27.65
N LYS C 19 13.70 -11.48 -26.89
CA LYS C 19 13.21 -11.77 -25.54
C LYS C 19 14.35 -11.63 -24.54
N LEU C 20 14.28 -10.57 -23.73
CA LEU C 20 15.22 -10.36 -22.63
C LEU C 20 14.83 -11.22 -21.45
N SER C 21 15.81 -11.53 -20.61
CA SER C 21 15.56 -12.37 -19.43
C SER C 21 16.39 -11.93 -18.25
N CYS C 22 15.81 -12.02 -17.05
CA CYS C 22 16.53 -11.65 -15.84
C CYS C 22 16.50 -12.79 -14.83
N ALA C 23 17.68 -13.24 -14.45
CA ALA C 23 17.82 -14.36 -13.55
C ALA C 23 17.95 -13.88 -12.11
N ALA C 24 16.82 -13.88 -11.40
CA ALA C 24 16.81 -13.51 -9.98
C ALA C 24 17.43 -14.60 -9.11
N SER C 25 18.13 -14.19 -8.05
CA SER C 25 18.67 -15.11 -7.07
C SER C 25 19.03 -14.38 -5.78
N GLY C 26 19.10 -15.12 -4.67
CA GLY C 26 19.51 -14.54 -3.38
C GLY C 26 18.40 -13.93 -2.54
N PHE C 27 17.17 -14.08 -3.01
CA PHE C 27 15.99 -13.58 -2.32
C PHE C 27 14.78 -14.33 -2.86
N THR C 28 13.63 -14.19 -2.22
CA THR C 28 12.46 -14.96 -2.63
C THR C 28 11.70 -14.25 -3.75
N PHE C 29 12.00 -14.66 -4.97
CA PHE C 29 11.57 -13.98 -6.17
C PHE C 29 10.05 -13.88 -6.27
N SER C 30 9.34 -14.84 -5.70
CA SER C 30 7.88 -14.83 -5.76
C SER C 30 7.30 -13.63 -5.01
N SER C 31 7.98 -13.20 -3.95
CA SER C 31 7.45 -12.16 -3.07
C SER C 31 7.50 -10.73 -3.62
N TYR C 32 8.36 -10.51 -4.61
CA TYR C 32 8.59 -9.14 -5.08
C TYR C 32 8.10 -8.87 -6.49
N ALA C 33 7.47 -7.71 -6.68
CA ALA C 33 7.19 -7.20 -8.01
C ALA C 33 8.49 -6.79 -8.68
N MET C 34 8.52 -6.89 -10.00
CA MET C 34 9.72 -6.58 -10.75
C MET C 34 9.39 -5.59 -11.86
N SER C 35 10.36 -4.77 -12.26
CA SER C 35 10.15 -3.88 -13.39
C SER C 35 11.32 -3.92 -14.34
N TRP C 36 11.02 -3.69 -15.62
CA TRP C 36 12.07 -3.41 -16.58
C TRP C 36 12.20 -1.90 -16.72
N VAL C 37 13.43 -1.41 -16.52
CA VAL C 37 13.76 -0.01 -16.76
C VAL C 37 14.91 0.10 -17.79
N ARG C 38 14.72 0.93 -18.79
CA ARG C 38 15.76 1.06 -19.81
C ARG C 38 16.50 2.38 -19.73
N GLN C 39 17.72 2.41 -20.26
CA GLN C 39 18.48 3.64 -20.36
C GLN C 39 19.00 3.81 -21.79
N SER C 40 18.52 4.85 -22.45
CA SER C 40 18.90 5.12 -23.84
C SER C 40 20.36 5.53 -23.89
N PRO C 41 20.96 5.47 -25.09
CA PRO C 41 22.35 5.89 -25.25
C PRO C 41 22.53 7.32 -24.79
N GLU C 42 21.46 8.12 -24.80
CA GLU C 42 21.52 9.48 -24.26
C GLU C 42 21.31 9.53 -22.73
N LYS C 43 21.38 8.37 -22.08
CA LYS C 43 21.46 8.24 -20.62
C LYS C 43 20.16 8.56 -19.88
N ARG C 44 19.07 8.75 -20.62
CA ARG C 44 17.76 8.95 -20.01
C ARG C 44 17.24 7.63 -19.43
N LEU C 45 16.79 7.67 -18.19
CA LEU C 45 16.12 6.51 -17.61
C LEU C 45 14.63 6.53 -17.92
N GLU C 46 14.10 5.42 -18.39
CA GLU C 46 12.69 5.30 -18.72
C GLU C 46 12.13 3.96 -18.27
N TRP C 47 11.15 4.01 -17.37
CA TRP C 47 10.49 2.81 -16.89
C TRP C 47 9.70 2.20 -18.03
N VAL C 48 9.68 0.88 -18.09
CA VAL C 48 9.08 0.17 -19.22
C VAL C 48 7.82 -0.58 -18.85
N ALA C 49 7.95 -1.47 -17.87
CA ALA C 49 6.81 -2.26 -17.43
C ALA C 49 7.04 -2.83 -16.04
N GLU C 50 5.95 -3.07 -15.32
CA GLU C 50 6.02 -3.68 -13.99
C GLU C 50 5.10 -4.90 -13.94
N ILE C 51 5.58 -5.95 -13.27
CA ILE C 51 4.77 -7.15 -13.05
C ILE C 51 4.69 -7.45 -11.57
N SER C 52 3.53 -7.92 -11.12
CA SER C 52 3.27 -8.24 -9.72
C SER C 52 4.09 -9.39 -9.24
N SER C 53 4.14 -9.55 -7.94
CA SER C 53 4.85 -10.67 -7.35
C SER C 53 4.24 -11.97 -7.85
N GLY C 54 2.92 -11.98 -7.97
CA GLY C 54 2.21 -13.14 -8.47
C GLY C 54 1.86 -13.00 -9.93
N GLY C 55 2.30 -11.90 -10.54
CA GLY C 55 2.17 -11.73 -11.97
C GLY C 55 0.79 -11.33 -12.44
N ARG C 56 -0.10 -11.04 -11.49
CA ARG C 56 -1.48 -10.72 -11.84
C ARG C 56 -1.78 -9.24 -12.10
N TYR C 57 -0.84 -8.35 -11.81
CA TYR C 57 -1.04 -6.93 -12.13
C TYR C 57 0.13 -6.40 -12.98
N ILE C 58 -0.19 -6.03 -14.21
CA ILE C 58 0.83 -5.63 -15.18
C ILE C 58 0.61 -4.20 -15.62
N TYR C 59 1.64 -3.35 -15.53
CA TYR C 59 1.54 -2.00 -16.08
C TYR C 59 2.62 -1.77 -17.15
N TYR C 60 2.28 -1.01 -18.18
CA TYR C 60 3.20 -0.70 -19.26
C TYR C 60 3.30 0.81 -19.48
N SER C 61 4.48 1.29 -19.88
CA SER C 61 4.57 2.68 -20.33
C SER C 61 3.83 2.79 -21.66
N ASP C 62 3.32 3.97 -22.00
CA ASP C 62 2.58 4.10 -23.25
C ASP C 62 3.50 3.85 -24.44
N THR C 63 4.80 4.05 -24.24
CA THR C 63 5.79 3.90 -25.30
C THR C 63 5.88 2.47 -25.87
N VAL C 64 5.68 1.47 -25.01
CA VAL C 64 5.86 0.09 -25.40
C VAL C 64 4.59 -0.75 -25.35
N THR C 65 3.47 -0.16 -24.96
CA THR C 65 2.27 -0.96 -24.75
C THR C 65 1.73 -1.57 -26.06
N GLY C 66 1.35 -2.84 -25.99
CA GLY C 66 0.89 -3.54 -27.19
C GLY C 66 2.01 -4.07 -28.05
N ARG C 67 3.25 -3.73 -27.69
CA ARG C 67 4.43 -4.26 -28.37
C ARG C 67 5.26 -5.14 -27.43
N PHE C 68 5.47 -4.66 -26.20
CA PHE C 68 6.19 -5.44 -25.19
C PHE C 68 5.24 -6.28 -24.37
N THR C 69 5.75 -7.37 -23.80
CA THR C 69 4.97 -8.19 -22.90
C THR C 69 5.86 -8.68 -21.78
N ILE C 70 5.56 -8.26 -20.55
CA ILE C 70 6.34 -8.69 -19.40
C ILE C 70 5.77 -9.98 -18.80
N SER C 71 6.66 -10.86 -18.37
CA SER C 71 6.25 -12.22 -17.98
C SER C 71 7.11 -12.62 -16.83
N ARG C 72 6.69 -13.68 -16.16
CA ARG C 72 7.26 -14.01 -14.89
C ARG C 72 7.22 -15.52 -14.74
N ASP C 73 8.37 -16.11 -14.41
CA ASP C 73 8.44 -17.53 -14.10
C ASP C 73 8.86 -17.72 -12.66
N ASN C 74 7.87 -17.81 -11.78
CA ASN C 74 8.14 -17.89 -10.35
C ASN C 74 8.71 -19.23 -9.91
N ALA C 75 8.59 -20.25 -10.74
CA ALA C 75 9.17 -21.54 -10.42
C ALA C 75 10.68 -21.52 -10.63
N ARG C 76 11.10 -20.98 -11.78
CA ARG C 76 12.51 -20.99 -12.17
C ARG C 76 13.25 -19.69 -11.85
N ASN C 77 12.55 -18.74 -11.21
CA ASN C 77 13.11 -17.42 -10.87
C ASN C 77 13.62 -16.59 -12.03
N ILE C 78 12.84 -16.47 -13.10
CA ILE C 78 13.26 -15.73 -14.29
C ILE C 78 12.22 -14.69 -14.69
N LEU C 79 12.64 -13.43 -14.76
CA LEU C 79 11.80 -12.38 -15.33
C LEU C 79 11.97 -12.29 -16.85
N HIS C 80 10.92 -11.87 -17.55
CA HIS C 80 10.95 -11.83 -19.01
C HIS C 80 10.35 -10.55 -19.60
N LEU C 81 11.01 -10.02 -20.62
CA LEU C 81 10.42 -8.97 -21.42
C LEU C 81 10.40 -9.47 -22.86
N GLU C 82 9.20 -9.70 -23.39
CA GLU C 82 9.07 -10.16 -24.76
C GLU C 82 8.75 -9.01 -25.68
N MET C 83 9.76 -8.59 -26.45
CA MET C 83 9.62 -7.46 -27.36
C MET C 83 9.19 -7.85 -28.78
N SER C 84 8.56 -6.92 -29.48
CA SER C 84 8.16 -7.17 -30.86
C SER C 84 7.89 -5.86 -31.58
N SER C 85 7.77 -5.93 -32.91
CA SER C 85 7.89 -4.76 -33.79
C SER C 85 8.75 -3.72 -33.12
N LEU C 86 10.02 -4.08 -32.93
CA LEU C 86 11.01 -3.20 -32.33
C LEU C 86 11.30 -2.05 -33.26
N ARG C 87 11.74 -0.94 -32.70
CA ARG C 87 12.11 0.23 -33.49
C ARG C 87 13.32 0.91 -32.83
N SER C 88 14.02 1.75 -33.57
CA SER C 88 15.31 2.26 -33.11
C SER C 88 15.19 3.05 -31.81
N GLU C 89 14.01 3.61 -31.56
CA GLU C 89 13.76 4.32 -30.31
C GLU C 89 13.87 3.38 -29.10
N ASP C 90 13.76 2.08 -29.35
CA ASP C 90 13.86 1.09 -28.27
C ASP C 90 15.31 0.71 -27.91
N THR C 91 16.28 1.25 -28.65
CA THR C 91 17.67 0.99 -28.33
C THR C 91 17.97 1.51 -26.94
N ALA C 92 18.52 0.65 -26.09
CA ALA C 92 18.80 1.03 -24.71
C ALA C 92 19.54 -0.08 -24.01
N MET C 93 20.09 0.21 -22.83
CA MET C 93 20.42 -0.86 -21.92
C MET C 93 19.17 -1.20 -21.11
N TYR C 94 18.77 -2.47 -21.06
CA TYR C 94 17.60 -2.82 -20.27
C TYR C 94 17.99 -3.35 -18.91
N TYR C 95 17.39 -2.76 -17.88
CA TYR C 95 17.63 -3.14 -16.51
C TYR C 95 16.46 -3.93 -15.98
N CYS C 96 16.76 -4.92 -15.17
CA CYS C 96 15.75 -5.62 -14.42
C CYS C 96 15.88 -5.12 -12.98
N ALA C 97 14.76 -4.76 -12.35
CA ALA C 97 14.82 -4.11 -11.03
C ALA C 97 13.74 -4.59 -10.06
N ARG C 98 14.18 -4.93 -8.84
CA ARG C 98 13.24 -5.29 -7.77
C ARG C 98 12.49 -4.05 -7.28
N GLY C 99 11.22 -4.20 -6.96
CA GLY C 99 10.43 -3.06 -6.52
C GLY C 99 9.08 -3.43 -5.94
N GLU C 100 9.09 -4.25 -4.89
CA GLU C 100 7.83 -4.66 -4.27
C GLU C 100 7.14 -3.53 -3.52
N VAL C 101 7.88 -2.62 -2.89
CA VAL C 101 7.21 -1.54 -2.19
C VAL C 101 7.36 -0.24 -2.98
N ARG C 102 6.23 0.36 -3.35
CA ARG C 102 6.25 1.65 -3.99
C ARG C 102 6.81 2.74 -3.08
N GLN C 103 6.57 2.61 -1.79
CA GLN C 103 7.00 3.66 -0.91
C GLN C 103 8.50 3.55 -0.75
N ARG C 104 9.09 2.46 -1.20
CA ARG C 104 10.52 2.26 -0.99
C ARG C 104 11.40 2.27 -2.26
N GLY C 105 10.77 2.26 -3.44
CA GLY C 105 11.54 2.30 -4.68
C GLY C 105 12.12 0.99 -5.21
N PHE C 106 12.93 1.12 -6.26
CA PHE C 106 13.66 -0.02 -6.84
C PHE C 106 14.95 -0.28 -6.08
N ASP C 107 14.87 -1.17 -5.07
CA ASP C 107 15.99 -1.37 -4.15
C ASP C 107 17.20 -2.15 -4.69
N TYR C 108 17.02 -2.93 -5.77
CA TYR C 108 18.15 -3.66 -6.38
C TYR C 108 18.05 -3.66 -7.91
N TRP C 109 19.19 -3.55 -8.59
CA TRP C 109 19.23 -3.51 -10.06
C TRP C 109 20.22 -4.52 -10.66
N GLY C 110 19.94 -5.00 -11.87
CA GLY C 110 20.86 -5.89 -12.56
C GLY C 110 22.02 -5.12 -13.16
N GLN C 111 22.92 -5.78 -13.88
CA GLN C 111 24.02 -5.05 -14.54
C GLN C 111 23.59 -4.54 -15.92
N GLY C 112 22.45 -5.04 -16.38
CA GLY C 112 21.86 -4.59 -17.62
C GLY C 112 22.28 -5.42 -18.81
N THR C 113 21.45 -5.41 -19.84
CA THR C 113 21.74 -6.08 -21.09
C THR C 113 21.35 -5.14 -22.24
N THR C 114 22.21 -5.04 -23.26
CA THR C 114 22.05 -4.00 -24.27
C THR C 114 21.27 -4.39 -25.53
N LEU C 115 20.22 -3.64 -25.82
CA LEU C 115 19.49 -3.84 -27.04
C LEU C 115 19.94 -2.80 -28.05
N THR C 116 20.24 -3.23 -29.27
CA THR C 116 20.50 -2.30 -30.35
C THR C 116 19.60 -2.62 -31.54
N VAL C 117 18.80 -1.64 -31.94
CA VAL C 117 17.88 -1.81 -33.04
C VAL C 117 18.36 -0.95 -34.20
N SER C 118 18.86 -1.59 -35.25
CA SER C 118 19.38 -0.85 -36.39
C SER C 118 19.27 -1.65 -37.67
N SER C 119 19.27 -0.97 -38.80
CA SER C 119 19.39 -1.67 -40.08
C SER C 119 20.85 -1.92 -40.46
N ALA C 120 21.77 -1.36 -39.70
CA ALA C 120 23.18 -1.51 -40.01
C ALA C 120 23.62 -2.98 -39.92
N LYS C 121 24.43 -3.39 -40.89
CA LYS C 121 25.08 -4.71 -40.85
C LYS C 121 26.28 -4.71 -39.89
N THR C 122 26.48 -5.84 -39.21
CA THR C 122 27.65 -6.04 -38.36
C THR C 122 28.92 -5.99 -39.18
N THR C 123 29.94 -5.24 -38.73
CA THR C 123 31.22 -5.23 -39.43
C THR C 123 32.41 -5.10 -38.46
N ALA C 124 33.49 -5.80 -38.79
CA ALA C 124 34.68 -5.88 -37.93
C ALA C 124 35.52 -4.63 -38.01
N PRO C 125 36.06 -4.20 -36.87
CA PRO C 125 36.96 -3.04 -36.83
C PRO C 125 38.25 -3.30 -37.57
N SER C 126 38.83 -2.27 -38.17
CA SER C 126 40.25 -2.27 -38.47
C SER C 126 40.97 -1.68 -37.28
N VAL C 127 41.97 -2.37 -36.74
CA VAL C 127 42.75 -1.76 -35.68
C VAL C 127 44.09 -1.29 -36.20
N TYR C 128 44.43 -0.04 -35.92
CA TYR C 128 45.68 0.54 -36.39
C TYR C 128 46.54 0.97 -35.22
N PRO C 129 47.84 0.63 -35.28
CA PRO C 129 48.82 1.13 -34.32
C PRO C 129 48.98 2.64 -34.46
N LEU C 130 49.23 3.33 -33.35
CA LEU C 130 49.56 4.74 -33.44
C LEU C 130 50.95 4.99 -32.87
N ALA C 131 51.97 4.80 -33.71
CA ALA C 131 53.34 5.19 -33.40
C ALA C 131 53.57 6.69 -33.63
N PRO C 132 54.36 7.32 -32.74
CA PRO C 132 54.78 8.72 -32.71
C PRO C 132 55.66 9.16 -33.89
N VAL C 133 55.58 10.44 -34.23
CA VAL C 133 56.24 11.04 -35.41
C VAL C 133 57.76 10.86 -35.42
N CYS C 134 58.40 11.12 -36.58
CA CYS C 134 59.86 11.10 -36.72
C CYS C 134 60.51 12.15 -35.79
N GLY C 135 61.61 11.78 -35.13
CA GLY C 135 62.07 12.53 -33.97
C GLY C 135 61.04 12.19 -32.90
N ASP C 136 60.89 13.00 -31.86
CA ASP C 136 61.92 13.92 -31.38
C ASP C 136 61.84 13.85 -29.85
N THR C 137 62.53 12.85 -29.32
CA THR C 137 62.66 12.61 -27.89
C THR C 137 63.34 13.80 -27.22
N THR C 138 62.95 14.22 -26.00
CA THR C 138 61.69 13.98 -25.28
C THR C 138 61.72 15.05 -24.16
N GLY C 139 60.86 15.01 -23.15
CA GLY C 139 59.87 13.98 -22.91
C GLY C 139 60.29 13.00 -21.82
N SER C 140 59.89 13.27 -20.58
CA SER C 140 60.13 12.31 -19.50
C SER C 140 59.41 11.01 -19.83
N SER C 141 58.34 11.16 -20.63
CA SER C 141 57.51 10.03 -21.03
C SER C 141 57.13 10.15 -22.51
N VAL C 142 56.58 9.07 -23.07
CA VAL C 142 56.08 9.08 -24.44
C VAL C 142 54.62 8.57 -24.50
N THR C 143 53.87 9.04 -25.50
CA THR C 143 52.50 8.57 -25.69
C THR C 143 52.36 7.69 -26.94
N LEU C 144 51.76 6.53 -26.75
CA LEU C 144 51.44 5.62 -27.85
C LEU C 144 49.92 5.58 -28.06
N GLY C 145 49.49 5.10 -29.21
CA GLY C 145 48.06 5.07 -29.49
C GLY C 145 47.56 3.92 -30.33
N CYS C 146 46.25 3.73 -30.30
CA CYS C 146 45.59 2.67 -31.04
C CYS C 146 44.25 3.14 -31.63
N LEU C 147 44.01 2.80 -32.89
CA LEU C 147 42.83 3.29 -33.59
C LEU C 147 41.92 2.12 -33.99
N VAL C 148 40.77 2.01 -33.33
CA VAL C 148 39.78 0.98 -33.66
C VAL C 148 38.67 1.60 -34.51
N LYS C 149 38.79 1.51 -35.82
CA LYS C 149 37.92 2.25 -36.73
C LYS C 149 36.93 1.39 -37.52
N GLY C 150 35.73 1.90 -37.72
CA GLY C 150 34.81 1.30 -38.67
C GLY C 150 34.07 0.04 -38.27
N TYR C 151 33.77 -0.12 -36.99
CA TYR C 151 33.04 -1.29 -36.51
C TYR C 151 31.59 -1.03 -36.15
N PHE C 152 30.81 -2.11 -36.14
CA PHE C 152 29.42 -2.09 -35.67
C PHE C 152 29.00 -3.53 -35.40
N PRO C 153 28.16 -3.76 -34.38
CA PRO C 153 27.66 -2.78 -33.41
C PRO C 153 28.62 -2.63 -32.25
N GLU C 154 28.29 -1.78 -31.27
CA GLU C 154 29.04 -1.74 -30.03
C GLU C 154 28.74 -3.07 -29.32
N PRO C 155 29.62 -3.57 -28.44
CA PRO C 155 30.89 -3.15 -27.82
C PRO C 155 32.15 -3.76 -28.44
N VAL C 156 33.30 -3.12 -28.21
CA VAL C 156 34.59 -3.75 -28.44
C VAL C 156 35.42 -3.67 -27.17
N THR C 157 36.32 -4.62 -26.99
CA THR C 157 37.18 -4.70 -25.82
C THR C 157 38.61 -4.30 -26.18
N LEU C 158 39.04 -3.15 -25.68
CA LEU C 158 40.44 -2.75 -25.84
C LEU C 158 41.18 -2.83 -24.52
N THR C 159 42.42 -3.31 -24.57
CA THR C 159 43.34 -3.31 -23.42
C THR C 159 44.74 -3.11 -23.97
N TRP C 160 45.71 -3.02 -23.07
CA TRP C 160 47.10 -2.92 -23.50
C TRP C 160 47.94 -3.99 -22.84
N ASN C 161 48.76 -4.66 -23.63
CA ASN C 161 49.58 -5.77 -23.14
C ASN C 161 48.72 -6.73 -22.31
N SER C 162 47.54 -7.03 -22.82
CA SER C 162 46.59 -7.92 -22.17
C SER C 162 46.21 -7.49 -20.75
N GLY C 163 46.18 -6.19 -20.52
CA GLY C 163 45.70 -5.63 -19.26
C GLY C 163 46.77 -5.42 -18.20
N SER C 164 47.99 -5.87 -18.48
CA SER C 164 49.09 -5.66 -17.55
C SER C 164 49.33 -4.17 -17.38
N LEU C 165 49.08 -3.44 -18.46
CA LEU C 165 49.39 -2.03 -18.55
C LEU C 165 48.13 -1.18 -18.39
N SER C 166 47.70 -0.95 -17.16
CA SER C 166 46.47 -0.18 -16.94
C SER C 166 46.73 1.28 -16.57
N SER C 167 47.88 1.57 -15.96
CA SER C 167 48.23 2.95 -15.63
C SER C 167 48.51 3.77 -16.89
N GLY C 168 48.08 5.02 -16.89
CA GLY C 168 48.38 5.96 -17.96
C GLY C 168 47.52 5.78 -19.21
N VAL C 169 46.51 4.92 -19.11
CA VAL C 169 45.66 4.58 -20.24
C VAL C 169 44.37 5.43 -20.29
N HIS C 170 44.11 5.99 -21.47
CA HIS C 170 42.88 6.71 -21.77
C HIS C 170 42.17 6.06 -22.95
N THR C 171 41.07 5.36 -22.70
CA THR C 171 40.33 4.74 -23.81
C THR C 171 39.01 5.44 -24.06
N PHE C 172 38.95 6.11 -25.19
CA PHE C 172 37.85 7.00 -25.51
C PHE C 172 36.58 6.27 -25.92
N PRO C 173 35.44 6.75 -25.42
CA PRO C 173 34.20 6.08 -25.80
C PRO C 173 33.96 6.20 -27.31
N ALA C 174 33.37 5.17 -27.89
CA ALA C 174 33.16 5.13 -29.34
C ALA C 174 32.11 6.14 -29.78
N VAL C 175 32.19 6.56 -31.03
CA VAL C 175 31.26 7.54 -31.59
C VAL C 175 30.72 7.10 -32.92
N LEU C 176 29.41 6.89 -33.01
CA LEU C 176 28.75 6.46 -34.26
C LEU C 176 28.81 7.54 -35.33
N GLN C 177 29.17 7.13 -36.54
CA GLN C 177 29.17 8.05 -37.67
C GLN C 177 28.84 7.28 -38.96
N SER C 178 27.68 7.60 -39.53
CA SER C 178 27.17 6.93 -40.73
C SER C 178 27.23 5.42 -40.53
N ASP C 179 26.63 4.98 -39.43
CA ASP C 179 26.44 3.58 -39.13
C ASP C 179 27.74 2.80 -38.89
N LEU C 180 28.77 3.48 -38.37
CA LEU C 180 30.01 2.82 -37.98
C LEU C 180 30.66 3.51 -36.80
N TYR C 181 30.89 2.76 -35.73
CA TYR C 181 31.65 3.30 -34.61
C TYR C 181 33.13 3.39 -34.93
N THR C 182 33.76 4.46 -34.43
CA THR C 182 35.19 4.56 -34.42
C THR C 182 35.63 4.79 -33.00
N LEU C 183 36.75 4.21 -32.61
CA LEU C 183 37.18 4.28 -31.23
C LEU C 183 38.71 4.40 -31.21
N SER C 184 39.26 4.87 -30.09
CA SER C 184 40.70 5.01 -29.98
C SER C 184 41.15 4.94 -28.55
N SER C 185 42.43 4.63 -28.35
CA SER C 185 43.02 4.59 -27.02
C SER C 185 44.43 5.14 -27.03
N SER C 186 44.77 5.88 -25.98
CA SER C 186 46.11 6.37 -25.81
C SER C 186 46.69 5.83 -24.50
N VAL C 187 47.97 5.47 -24.54
CA VAL C 187 48.65 4.96 -23.36
C VAL C 187 50.01 5.62 -23.28
N THR C 188 50.43 5.99 -22.08
CA THR C 188 51.73 6.65 -21.93
C THR C 188 52.62 5.95 -20.90
N VAL C 189 53.84 5.66 -21.33
CA VAL C 189 54.81 5.00 -20.48
C VAL C 189 56.12 5.80 -20.56
N THR C 190 56.97 5.64 -19.54
CA THR C 190 58.24 6.34 -19.47
C THR C 190 59.11 6.01 -20.67
N SER C 191 59.90 6.99 -21.11
CA SER C 191 60.67 6.85 -22.34
C SER C 191 61.64 5.67 -22.28
N SER C 192 62.03 5.28 -21.07
CA SER C 192 62.80 4.06 -20.87
C SER C 192 62.02 2.83 -21.32
N THR C 193 60.72 2.83 -21.02
CA THR C 193 59.87 1.66 -21.22
C THR C 193 59.65 1.30 -22.70
N TRP C 194 59.62 2.30 -23.57
CA TRP C 194 59.36 2.05 -24.98
C TRP C 194 60.37 2.82 -25.84
N PRO C 195 60.76 2.26 -27.00
CA PRO C 195 60.38 0.94 -27.52
C PRO C 195 61.21 -0.22 -26.97
N SER C 196 61.78 -0.05 -25.79
CA SER C 196 62.64 -1.07 -25.18
C SER C 196 61.85 -2.33 -24.86
N GLN C 197 60.57 -2.16 -24.57
CA GLN C 197 59.66 -3.28 -24.30
C GLN C 197 58.43 -3.20 -25.19
N SER C 198 57.95 -4.37 -25.65
CA SER C 198 56.84 -4.42 -26.59
C SER C 198 55.57 -3.84 -25.98
N ILE C 199 54.87 -3.04 -26.78
CA ILE C 199 53.58 -2.48 -26.38
C ILE C 199 52.55 -2.89 -27.42
N THR C 200 51.67 -3.81 -27.04
CA THR C 200 50.64 -4.25 -27.96
C THR C 200 49.24 -3.78 -27.56
N CYS C 201 48.53 -3.24 -28.55
CA CYS C 201 47.13 -2.90 -28.41
C CYS C 201 46.28 -4.09 -28.84
N ASN C 202 45.57 -4.71 -27.90
CA ASN C 202 44.79 -5.90 -28.26
C ASN C 202 43.28 -5.65 -28.16
N VAL C 203 42.60 -5.93 -29.26
CA VAL C 203 41.22 -5.53 -29.47
C VAL C 203 40.29 -6.72 -29.69
N ALA C 204 39.09 -6.65 -29.11
CA ALA C 204 38.14 -7.73 -29.26
C ALA C 204 36.77 -7.20 -29.69
N HIS C 205 36.23 -7.78 -30.74
CA HIS C 205 34.89 -7.43 -31.21
C HIS C 205 34.10 -8.70 -31.49
N PRO C 206 33.53 -9.32 -30.45
CA PRO C 206 32.89 -10.64 -30.54
C PRO C 206 31.77 -10.70 -31.57
N ALA C 207 31.04 -9.60 -31.73
CA ALA C 207 29.90 -9.59 -32.62
C ALA C 207 30.33 -9.96 -34.04
N SER C 208 31.58 -9.63 -34.39
CA SER C 208 32.15 -9.96 -35.69
C SER C 208 33.27 -10.98 -35.61
N SER C 209 33.43 -11.60 -34.44
CA SER C 209 34.42 -12.66 -34.22
C SER C 209 35.86 -12.20 -34.37
N THR C 210 36.11 -10.90 -34.28
CA THR C 210 37.47 -10.38 -34.36
C THR C 210 38.24 -10.55 -33.05
N LYS C 211 39.56 -10.68 -33.18
CA LYS C 211 40.46 -10.74 -32.04
C LYS C 211 41.87 -10.38 -32.48
N VAL C 212 42.08 -9.10 -32.78
CA VAL C 212 43.37 -8.59 -33.21
C VAL C 212 44.29 -8.17 -32.06
N ASP C 213 45.60 -8.31 -32.28
CA ASP C 213 46.63 -7.68 -31.42
C ASP C 213 47.51 -6.85 -32.33
N LYS C 214 48.06 -5.75 -31.82
CA LYS C 214 48.90 -4.88 -32.65
C LYS C 214 50.09 -4.30 -31.90
N LYS C 215 51.25 -4.93 -32.07
CA LYS C 215 52.48 -4.39 -31.52
C LYS C 215 52.78 -3.07 -32.23
N ILE C 216 53.33 -2.12 -31.47
CA ILE C 216 53.58 -0.77 -31.98
C ILE C 216 55.07 -0.47 -32.20
N GLU C 217 55.48 -0.30 -33.45
CA GLU C 217 56.88 -0.03 -33.75
C GLU C 217 57.03 1.31 -34.45
N PRO C 218 58.15 2.01 -34.18
CA PRO C 218 58.32 3.40 -34.63
C PRO C 218 58.82 3.57 -36.08
N ARG C 219 58.22 2.85 -37.03
CA ARG C 219 58.62 2.92 -38.44
C ARG C 219 58.84 4.35 -38.95
C1 GLC D . -46.68 8.68 25.48
C2 GLC D . -48.08 8.35 26.02
C3 GLC D . -48.51 9.38 27.07
C4 GLC D . -47.35 9.58 28.04
C5 GLC D . -46.09 10.05 27.30
C6 GLC D . -44.87 9.19 27.63
O1 GLC D . -46.54 8.59 24.06
O2 GLC D . -49.04 8.29 24.97
O3 GLC D . -49.66 9.00 27.80
O4 GLC D . -47.73 10.51 29.03
O5 GLC D . -46.34 9.99 25.91
O6 GLC D . -44.49 9.23 28.99
C1 GLC D . -47.00 10.50 30.24
C2 GLC D . -48.00 10.86 31.32
C3 GLC D . -47.81 12.33 31.70
C4 GLC D . -46.40 12.51 32.27
C5 GLC D . -45.37 11.91 31.33
C6 GLC D . -44.57 10.77 31.96
O2 GLC D . -49.30 10.57 30.81
O3 GLC D . -48.79 12.74 32.63
O4 GLC D . -46.10 13.88 32.48
O5 GLC D . -46.00 11.48 30.11
O6 GLC D . -43.23 10.78 31.46
CAA Y01 E . -7.18 0.40 25.72
CBA Y01 E . -7.48 1.22 24.46
CAB Y01 E . -7.73 2.71 24.79
CAN Y01 E . -6.31 1.10 23.47
CAJ Y01 E . -6.28 -0.29 22.77
CAO Y01 E . -4.82 -0.71 22.41
CBB Y01 E . -4.62 -1.06 20.86
CAC Y01 E . -5.10 0.14 20.01
CBE Y01 E . -3.28 -1.31 20.66
CAP Y01 E . -2.73 -2.35 21.82
CAQ Y01 E . -2.02 -3.49 21.02
CBG Y01 E . -1.67 -2.79 19.63
CBI Y01 E . -2.99 -2.12 19.27
CAE Y01 E . -4.01 -3.22 19.25
CAU Y01 E . -3.04 -1.51 18.00
CAS Y01 E . -2.38 -2.45 16.82
CBF Y01 E . -0.95 -2.81 17.20
CBD Y01 E . -0.92 -3.55 18.50
CAK Y01 E . 0.59 -3.84 19.00
CAI Y01 E . 1.40 -4.52 17.96
CAZ Y01 E . 1.16 -4.04 16.35
CAV Y01 E . 2.12 -4.58 15.32
CBH Y01 E . -0.15 -3.62 15.95
CAD Y01 E . -0.99 -4.88 15.61
CAT Y01 E . -0.10 -2.73 14.73
CAR Y01 E . 0.76 -3.37 13.60
CBC Y01 E . 2.19 -3.72 14.08
OAW Y01 E . 2.93 -4.48 13.10
CAY Y01 E . 3.23 -3.90 11.81
OAG Y01 E . 3.82 -2.84 11.72
CAM Y01 E . 2.82 -4.67 10.55
CAL Y01 E . 3.71 -4.42 9.35
CAX Y01 E . 3.03 -3.53 8.32
OAH Y01 E . 3.02 -2.28 8.50
OAF Y01 E . 2.49 -4.04 7.28
C1 NAG F . -43.39 19.27 33.86
C2 NAG F . -44.89 18.94 33.73
C3 NAG F . -45.22 18.51 32.30
C4 NAG F . -44.72 19.53 31.28
C5 NAG F . -43.25 19.88 31.54
C6 NAG F . -42.70 20.96 30.64
C7 NAG F . -46.34 18.08 35.48
C8 NAG F . -46.63 16.94 36.43
N2 NAG F . -45.29 17.91 34.68
O3 NAG F . -46.62 18.35 32.12
O4 NAG F . -44.79 19.04 29.94
O5 NAG F . -43.05 20.34 32.89
O6 NAG F . -41.33 20.73 30.33
O7 NAG F . -47.05 19.07 35.44
S1 MPO G . -55.17 2.41 22.57
O1 MPO G . -56.47 1.77 22.41
O2 MPO G . -55.23 3.41 23.91
O4 MPO G . -51.80 0.76 27.54
N1 MPO G . -54.29 0.32 26.53
C1 MPO G . -54.01 1.21 22.78
O3 MPO G . -54.82 3.21 21.40
C2 MPO G . -54.34 0.33 24.01
C3 MPO G . -53.98 1.10 25.31
C4 MPO G . -54.22 1.21 27.72
C5 MPO G . -52.88 0.97 28.47
C6 MPO G . -51.89 -0.45 26.75
C7 MPO G . -53.38 -0.84 26.63
C1 CLR H . -11.16 14.05 12.15
C2 CLR H . -11.01 13.99 10.63
C3 CLR H . -10.45 12.65 10.21
C4 CLR H . -11.49 11.58 10.57
C5 CLR H . -12.11 11.77 11.95
C6 CLR H . -12.61 10.68 12.54
C7 CLR H . -12.50 10.49 14.03
C8 CLR H . -12.89 11.78 14.73
C9 CLR H . -12.09 12.95 14.17
C10 CLR H . -12.24 13.11 12.66
C11 CLR H . -12.43 14.24 14.92
C12 CLR H . -12.32 14.12 16.45
C13 CLR H . -13.09 12.90 16.96
C14 CLR H . -12.57 11.69 16.21
C15 CLR H . -13.10 10.49 16.97
C16 CLR H . -13.10 10.96 18.43
C17 CLR H . -12.83 12.46 18.40
C18 CLR H . -14.58 13.09 16.71
C19 CLR H . -13.62 13.69 12.36
C20 CLR H . -13.66 13.13 19.49
C21 CLR H . -13.35 14.63 19.60
C22 CLR H . -13.38 12.44 20.83
C23 CLR H . -13.86 13.32 21.99
C24 CLR H . -13.30 12.81 23.32
C25 CLR H . -14.27 13.06 24.47
C26 CLR H . -13.63 12.71 25.81
C27 CLR H . -15.54 12.23 24.27
O1 CLR H . -10.17 12.60 8.79
N 1WE I . -21.05 -3.04 17.21
CA 1WE I . -21.54 -3.57 15.92
C 1WE I . -20.38 -4.35 15.30
CB 1WE I . -22.75 -4.47 16.18
CG 1WE I . -23.65 -4.65 14.98
CD1 1WE I . -24.83 -3.92 14.91
CD2 1WE I . -23.32 -5.54 13.96
CE1 1WE I . -25.69 -4.06 13.82
CE2 1WE I . -24.18 -5.67 12.87
CZ 1WE I . -25.36 -4.93 12.79
C8 P4G J . -28.08 -20.94 -5.47
C7 P4G J . -28.75 -21.38 -4.19
O4 P4G J . -29.36 -22.68 -4.35
C6 P4G J . -29.63 -23.38 -3.11
C5 P4G J . -30.31 -22.49 -2.06
O3 P4G J . -30.71 -23.33 -0.96
C4 P4G J . -31.96 -22.97 -0.36
C3 P4G J . -32.73 -24.25 0.10
O2 P4G J . -31.97 -24.91 1.17
C2 P4G J . -32.38 -26.27 1.43
C1 P4G J . -31.85 -27.20 0.34
H81 P4G J . -27.67 -20.08 -5.33
H82 P4G J . -28.75 -20.88 -6.17
H83 P4G J . -27.40 -21.60 -5.71
H71 P4G J . -29.42 -20.74 -3.95
H72 P4G J . -28.09 -21.43 -3.50
H61 P4G J . -28.79 -23.72 -2.74
H62 P4G J . -30.22 -24.15 -3.31
H51 P4G J . -29.68 -21.80 -1.76
H52 P4G J . -31.10 -22.06 -2.47
H41 P4G J . -32.50 -22.48 -1.01
H42 P4G J . -31.78 -22.39 0.44
H31 P4G J . -33.62 -24.01 0.44
H32 P4G J . -32.82 -24.87 -0.67
H21 P4G J . -32.02 -26.57 2.30
H22 P4G J . -33.35 -26.32 1.44
H11 P4G J . -32.15 -26.88 -0.52
H12 P4G J . -32.19 -28.10 0.50
H13 P4G J . -30.88 -27.20 0.36
C8 P4G K . -46.04 -26.80 22.24
C7 P4G K . -46.99 -25.72 21.82
O4 P4G K . -47.15 -24.78 22.90
C6 P4G K . -47.92 -23.60 22.52
C5 P4G K . -48.52 -22.96 23.75
O3 P4G K . -47.55 -22.90 24.83
C4 P4G K . -48.06 -23.42 26.07
C3 P4G K . -46.90 -23.44 27.14
O2 P4G K . -47.20 -22.63 28.32
C2 P4G K . -48.33 -23.05 29.13
C1 P4G K . -48.53 -22.07 30.27
H81 P4G K . -46.40 -27.26 23.00
H82 P4G K . -45.19 -26.40 22.48
H83 P4G K . -45.92 -27.44 21.50
H71 P4G K . -46.64 -25.27 21.04
H72 P4G K . -47.84 -26.10 21.61
H61 P4G K . -48.65 -23.88 21.90
H62 P4G K . -47.34 -22.96 22.07
H51 P4G K . -49.30 -23.49 24.06
H52 P4G K . -48.82 -22.04 23.54
H41 P4G K . -48.79 -22.85 26.38
H42 P4G K . -48.40 -24.34 25.93
H31 P4G K . -46.07 -23.10 26.72
H32 P4G K . -46.75 -24.38 27.43
H21 P4G K . -48.16 -23.94 29.50
H22 P4G K . -49.14 -23.07 28.58
H11 P4G K . -48.76 -21.20 29.91
H12 P4G K . -47.70 -22.00 30.80
H13 P4G K . -49.26 -22.39 30.85
NA NA L . -18.09 -1.61 19.34
NA NA M . -23.60 3.07 15.96
CL CL N . -15.07 -2.67 22.99
#